data_3WWQ
#
_entry.id   3WWQ
#
_cell.length_a   59.767
_cell.length_b   45.850
_cell.length_c   172.900
_cell.angle_alpha   90.00
_cell.angle_beta   98.06
_cell.angle_gamma   90.00
#
_symmetry.space_group_name_H-M   'P 1 21 1'
#
loop_
_entity.id
_entity.type
_entity.pdbx_description
1 polymer Ubiquitin
2 polymer Ubiquitin
3 polymer 'Fanconi anemia-associated protein of 20 kDa'
4 non-polymer 'ZINC ION'
5 water water
#
loop_
_entity_poly.entity_id
_entity_poly.type
_entity_poly.pdbx_seq_one_letter_code
_entity_poly.pdbx_strand_id
1 'polypeptide(L)' MQIFVKTLTGKTITLEVEPSDTIENVKAKIQDKEGIPPDQQRLIFAGKQLEDGRTLSDYNIQRESTLHLVLRLRGG A,D,G,J
2 'polypeptide(L)' MQIFVKTLTGKTITLEVEPSDTIENVKAKIQDKEGIPPDQQRLIFAGKQLEDGRTLSDYNIQKESTLHLVLRLRGGD B,E,H,K
3 'polypeptide(L)' GPGHMAALRSCPMCQKEFAPRLTQLDVDSHLAQCLAESTEDVTW C,F,I,L
#
loop_
_chem_comp.id
_chem_comp.type
_chem_comp.name
_chem_comp.formula
ZN non-polymer 'ZINC ION' 'Zn 2'
#
# COMPACT_ATOMS: atom_id res chain seq x y z
N MET A 1 10.90 -2.42 -35.30
CA MET A 1 10.64 -1.09 -35.98
C MET A 1 10.13 -0.11 -34.96
N GLN A 2 10.41 1.15 -35.26
CA GLN A 2 10.20 2.19 -34.30
C GLN A 2 8.88 2.82 -34.61
N ILE A 3 8.05 3.04 -33.60
CA ILE A 3 6.87 3.86 -33.78
C ILE A 3 6.82 4.93 -32.70
N PHE A 4 5.92 5.89 -32.89
CA PHE A 4 5.80 7.03 -32.02
C PHE A 4 4.40 7.02 -31.47
N VAL A 5 4.29 7.38 -30.20
CA VAL A 5 2.95 7.52 -29.56
C VAL A 5 2.86 8.96 -29.01
N LYS A 6 1.94 9.72 -29.54
CA LYS A 6 1.82 11.12 -29.24
C LYS A 6 0.67 11.31 -28.28
N THR A 7 0.91 12.11 -27.26
CA THR A 7 -0.13 12.45 -26.28
C THR A 7 -0.76 13.77 -26.65
N LEU A 8 -1.84 14.13 -25.97
CA LEU A 8 -2.53 15.38 -26.28
C LEU A 8 -1.83 16.65 -25.86
N THR A 9 -0.86 16.52 -24.98
CA THR A 9 -0.01 17.64 -24.61
C THR A 9 1.21 17.81 -25.52
N GLY A 10 1.32 16.95 -26.53
CA GLY A 10 2.42 17.04 -27.49
C GLY A 10 3.64 16.19 -27.16
N LYS A 11 3.58 15.40 -26.11
CA LYS A 11 4.73 14.60 -25.72
C LYS A 11 4.77 13.39 -26.65
N THR A 12 5.97 12.96 -27.03
CA THR A 12 6.12 11.80 -27.90
C THR A 12 6.88 10.72 -27.19
N ILE A 13 6.31 9.53 -27.21
CA ILE A 13 6.90 8.33 -26.64
C ILE A 13 7.42 7.52 -27.84
N THR A 14 8.67 7.07 -27.83
CA THR A 14 9.17 6.21 -28.89
C THR A 14 9.20 4.75 -28.44
N LEU A 15 8.70 3.87 -29.27
CA LEU A 15 8.63 2.45 -28.95
C LEU A 15 9.29 1.62 -30.03
N GLU A 16 9.98 0.55 -29.61
CA GLU A 16 10.43 -0.50 -30.54
C GLU A 16 9.40 -1.62 -30.47
N VAL A 17 8.87 -1.97 -31.63
CA VAL A 17 7.82 -2.96 -31.71
C VAL A 17 8.08 -3.86 -32.92
N GLU A 18 7.30 -4.93 -33.00
CA GLU A 18 7.19 -5.73 -34.20
C GLU A 18 5.79 -5.63 -34.83
N PRO A 19 5.68 -5.75 -36.17
CA PRO A 19 4.37 -5.65 -36.85
C PRO A 19 3.36 -6.63 -36.29
N SER A 20 3.82 -7.76 -35.77
CA SER A 20 2.94 -8.77 -35.21
C SER A 20 2.55 -8.52 -33.72
N ASP A 21 3.11 -7.51 -33.08
CA ASP A 21 2.71 -7.14 -31.70
C ASP A 21 1.24 -6.74 -31.67
N THR A 22 0.56 -7.16 -30.61
CA THR A 22 -0.83 -6.77 -30.44
C THR A 22 -0.92 -5.39 -29.79
N ILE A 23 -2.09 -4.77 -29.92
CA ILE A 23 -2.32 -3.48 -29.26
C ILE A 23 -2.17 -3.58 -27.74
N GLU A 24 -2.61 -4.70 -27.19
CA GLU A 24 -2.39 -4.91 -25.73
C GLU A 24 -0.94 -4.89 -25.39
N ASN A 25 -0.11 -5.52 -26.21
CA ASN A 25 1.36 -5.53 -25.99
CA ASN A 25 1.35 -5.54 -26.01
C ASN A 25 1.86 -4.10 -25.96
N VAL A 26 1.34 -3.31 -26.88
CA VAL A 26 1.79 -1.93 -27.06
C VAL A 26 1.43 -1.13 -25.83
N LYS A 27 0.20 -1.29 -25.35
CA LYS A 27 -0.23 -0.62 -24.11
C LYS A 27 0.64 -1.04 -22.91
N ALA A 28 1.02 -2.32 -22.87
CA ALA A 28 1.89 -2.79 -21.80
C ALA A 28 3.25 -2.09 -21.88
N LYS A 29 3.76 -1.90 -23.08
CA LYS A 29 5.03 -1.17 -23.25
C LYS A 29 4.91 0.27 -22.82
N ILE A 30 3.78 0.88 -23.16
CA ILE A 30 3.50 2.26 -22.72
C ILE A 30 3.47 2.33 -21.20
N GLN A 31 2.81 1.36 -20.58
CA GLN A 31 2.84 1.26 -19.12
C GLN A 31 4.27 1.16 -18.57
N ASP A 32 5.08 0.29 -19.17
CA ASP A 32 6.50 0.15 -18.76
C ASP A 32 7.24 1.46 -18.81
N LYS A 33 6.98 2.27 -19.82
CA LYS A 33 7.72 3.53 -19.98
C LYS A 33 7.14 4.70 -19.24
N GLU A 34 5.81 4.78 -19.20
CA GLU A 34 5.14 5.96 -18.62
C GLU A 34 4.40 5.72 -17.33
N GLY A 35 4.25 4.45 -16.96
CA GLY A 35 3.49 4.13 -15.76
C GLY A 35 1.97 4.27 -15.88
N ILE A 36 1.46 4.38 -17.10
CA ILE A 36 0.01 4.48 -17.28
C ILE A 36 -0.62 3.12 -17.44
N PRO A 37 -1.59 2.76 -16.56
CA PRO A 37 -2.21 1.47 -16.74
C PRO A 37 -2.89 1.31 -18.08
N PRO A 38 -2.75 0.14 -18.69
CA PRO A 38 -3.41 -0.08 -19.97
C PRO A 38 -4.91 0.21 -20.01
N ASP A 39 -5.62 -0.09 -18.92
CA ASP A 39 -7.09 0.09 -18.93
C ASP A 39 -7.44 1.56 -19.07
N GLN A 40 -6.49 2.41 -18.79
CA GLN A 40 -6.68 3.85 -18.88
C GLN A 40 -6.20 4.46 -20.20
N GLN A 41 -5.77 3.62 -21.11
CA GLN A 41 -5.24 4.04 -22.40
C GLN A 41 -6.21 3.78 -23.53
N ARG A 42 -6.33 4.76 -24.39
CA ARG A 42 -6.98 4.57 -25.67
C ARG A 42 -6.03 4.97 -26.77
N LEU A 43 -5.89 4.15 -27.79
CA LEU A 43 -5.00 4.45 -28.90
C LEU A 43 -5.78 4.66 -30.20
N ILE A 44 -5.35 5.64 -30.99
CA ILE A 44 -5.96 5.94 -32.29
C ILE A 44 -4.88 5.93 -33.37
N PHE A 45 -5.20 5.31 -34.50
CA PHE A 45 -4.36 5.34 -35.71
C PHE A 45 -5.18 5.03 -36.97
N ALA A 46 -4.91 5.80 -38.01
CA ALA A 46 -5.63 5.68 -39.30
C ALA A 46 -7.15 5.69 -39.18
N GLY A 47 -7.66 6.62 -38.40
CA GLY A 47 -9.07 6.77 -38.28
C GLY A 47 -9.78 5.75 -37.41
N LYS A 48 -9.00 4.93 -36.72
CA LYS A 48 -9.56 3.90 -35.87
C LYS A 48 -9.08 3.96 -34.45
N GLN A 49 -9.97 3.57 -33.57
CA GLN A 49 -9.62 3.29 -32.20
C GLN A 49 -9.06 1.88 -32.20
N LEU A 50 -7.85 1.71 -31.71
CA LEU A 50 -7.19 0.42 -31.84
C LEU A 50 -7.68 -0.59 -30.83
N GLU A 51 -8.04 -1.78 -31.29
CA GLU A 51 -8.55 -2.86 -30.41
C GLU A 51 -7.44 -3.75 -29.89
N ASP A 52 -7.54 -4.10 -28.62
CA ASP A 52 -6.46 -4.79 -27.90
C ASP A 52 -5.95 -6.09 -28.52
N GLY A 53 -6.85 -6.88 -29.06
CA GLY A 53 -6.51 -8.20 -29.60
C GLY A 53 -5.96 -8.21 -31.03
N ARG A 54 -5.97 -7.06 -31.69
CA ARG A 54 -5.48 -6.93 -33.06
C ARG A 54 -4.02 -6.54 -33.07
N THR A 55 -3.39 -6.67 -34.23
CA THR A 55 -1.98 -6.39 -34.36
C THR A 55 -1.73 -5.07 -35.04
N LEU A 56 -0.51 -4.58 -34.89
CA LEU A 56 -0.08 -3.38 -35.59
C LEU A 56 -0.23 -3.55 -37.10
N SER A 57 0.18 -4.68 -37.62
CA SER A 57 0.09 -4.89 -39.07
C SER A 57 -1.39 -4.86 -39.54
N ASP A 58 -2.33 -5.27 -38.68
CA ASP A 58 -3.77 -5.21 -39.04
C ASP A 58 -4.22 -3.79 -39.38
N TYR A 59 -3.59 -2.82 -38.73
CA TYR A 59 -3.92 -1.41 -38.89
C TYR A 59 -2.98 -0.68 -39.84
N ASN A 60 -2.10 -1.41 -40.48
CA ASN A 60 -1.13 -0.85 -41.44
C ASN A 60 -0.14 0.05 -40.74
N ILE A 61 0.17 -0.25 -39.49
CA ILE A 61 1.08 0.56 -38.73
C ILE A 61 2.48 0.10 -39.09
N GLN A 62 3.32 1.05 -39.52
CA GLN A 62 4.62 0.77 -40.05
C GLN A 62 5.69 1.62 -39.37
N ARG A 63 6.93 1.48 -39.84
CA ARG A 63 8.01 2.20 -39.22
C ARG A 63 7.78 3.72 -39.30
N GLU A 64 8.03 4.35 -38.17
CA GLU A 64 7.84 5.79 -37.94
C GLU A 64 6.37 6.25 -38.02
N SER A 65 5.44 5.32 -37.98
CA SER A 65 4.02 5.65 -37.77
C SER A 65 3.82 6.34 -36.42
N THR A 66 2.88 7.27 -36.39
CA THR A 66 2.49 7.98 -35.17
C THR A 66 1.09 7.59 -34.74
N LEU A 67 0.99 7.01 -33.55
CA LEU A 67 -0.27 6.70 -32.92
C LEU A 67 -0.60 7.82 -31.92
N HIS A 68 -1.88 8.00 -31.64
CA HIS A 68 -2.31 9.01 -30.69
C HIS A 68 -2.93 8.35 -29.44
N LEU A 69 -2.48 8.81 -28.29
CA LEU A 69 -2.86 8.23 -27.01
C LEU A 69 -3.75 9.22 -26.29
N VAL A 70 -4.85 8.73 -25.79
CA VAL A 70 -5.78 9.46 -24.99
C VAL A 70 -5.89 8.71 -23.69
N LEU A 71 -5.79 9.45 -22.60
CA LEU A 71 -5.92 8.91 -21.26
C LEU A 71 -7.29 9.14 -20.68
N ARG A 72 -7.73 8.17 -19.90
CA ARG A 72 -8.95 8.27 -19.13
C ARG A 72 -8.69 8.23 -17.63
N LEU A 73 -9.38 9.08 -16.91
CA LEU A 73 -9.37 8.91 -15.46
C LEU A 73 -10.18 7.69 -15.07
N ARG A 74 -9.84 7.09 -13.95
CA ARG A 74 -10.86 6.19 -13.34
C ARG A 74 -12.21 6.86 -13.04
N GLY A 75 -13.25 6.04 -13.11
CA GLY A 75 -14.60 6.50 -13.03
C GLY A 75 -15.02 6.12 -11.64
N GLY A 76 -16.32 6.05 -11.45
CA GLY A 76 -16.81 5.46 -10.22
C GLY A 76 -17.28 6.74 -9.57
N MET B 1 -17.33 4.11 -3.08
CA MET B 1 -17.45 5.52 -3.55
C MET B 1 -17.15 6.44 -2.37
N GLN B 2 -16.83 7.67 -2.72
CA GLN B 2 -16.52 8.69 -1.73
C GLN B 2 -17.68 9.61 -1.52
N ILE B 3 -17.97 9.88 -0.23
CA ILE B 3 -18.92 10.92 0.13
C ILE B 3 -18.25 11.86 1.10
N PHE B 4 -18.80 13.03 1.22
CA PHE B 4 -18.32 14.01 2.17
C PHE B 4 -19.30 14.13 3.33
N VAL B 5 -18.75 14.34 4.53
CA VAL B 5 -19.54 14.70 5.71
C VAL B 5 -19.00 16.01 6.23
N LYS B 6 -19.87 17.02 6.24
CA LYS B 6 -19.49 18.35 6.68
C LYS B 6 -20.16 18.74 7.98
N THR B 7 -19.47 19.51 8.80
CA THR B 7 -20.05 20.07 10.00
C THR B 7 -20.14 21.58 9.88
N LEU B 8 -21.03 22.16 10.68
CA LEU B 8 -21.13 23.60 10.75
C LEU B 8 -19.94 24.28 11.41
N THR B 9 -19.09 23.51 12.06
CA THR B 9 -17.84 24.03 12.62
C THR B 9 -16.76 24.12 11.58
N GLY B 10 -17.07 23.72 10.36
CA GLY B 10 -16.15 23.90 9.25
C GLY B 10 -15.24 22.72 8.99
N LYS B 11 -15.54 21.58 9.60
CA LYS B 11 -14.78 20.37 9.34
C LYS B 11 -15.40 19.60 8.17
N THR B 12 -14.54 19.06 7.30
CA THR B 12 -14.99 18.18 6.25
C THR B 12 -14.30 16.87 6.36
N ILE B 13 -15.05 15.80 6.28
CA ILE B 13 -14.31 14.59 6.11
C ILE B 13 -14.80 13.80 4.91
N THR B 14 -13.90 13.00 4.37
CA THR B 14 -14.28 12.08 3.32
C THR B 14 -14.42 10.63 3.86
N LEU B 15 -15.50 9.98 3.43
CA LEU B 15 -15.73 8.58 3.77
C LEU B 15 -15.75 7.78 2.51
N GLU B 16 -15.26 6.55 2.63
CA GLU B 16 -15.41 5.54 1.60
C GLU B 16 -16.55 4.65 2.03
N VAL B 17 -17.54 4.57 1.17
CA VAL B 17 -18.75 3.83 1.47
C VAL B 17 -19.25 3.07 0.24
N GLU B 18 -20.23 2.22 0.48
CA GLU B 18 -20.96 1.57 -0.59
C GLU B 18 -22.43 1.98 -0.54
N PRO B 19 -23.09 2.04 -1.71
CA PRO B 19 -24.50 2.43 -1.75
C PRO B 19 -25.39 1.60 -0.80
N SER B 20 -25.04 0.34 -0.57
CA SER B 20 -25.83 -0.53 0.31
C SER B 20 -25.53 -0.38 1.82
N ASP B 21 -24.55 0.47 2.17
CA ASP B 21 -24.25 0.72 3.59
C ASP B 21 -25.45 1.39 4.25
N THR B 22 -25.75 1.00 5.48
CA THR B 22 -26.81 1.69 6.26
C THR B 22 -26.29 2.98 6.88
N ILE B 23 -27.19 3.85 7.26
CA ILE B 23 -26.85 5.05 8.02
C ILE B 23 -26.09 4.69 9.31
N GLU B 24 -26.50 3.62 9.95
CA GLU B 24 -25.80 3.15 11.16
C GLU B 24 -24.32 2.86 10.86
N ASN B 25 -24.08 2.19 9.73
CA ASN B 25 -22.71 1.87 9.28
C ASN B 25 -21.92 3.15 9.08
N VAL B 26 -22.58 4.16 8.49
CA VAL B 26 -21.92 5.41 8.21
C VAL B 26 -21.53 6.11 9.52
N LYS B 27 -22.45 6.13 10.48
CA LYS B 27 -22.16 6.69 11.78
C LYS B 27 -21.01 5.96 12.49
N ALA B 28 -20.92 4.66 12.29
CA ALA B 28 -19.80 3.90 12.88
C ALA B 28 -18.49 4.35 12.24
N LYS B 29 -18.51 4.61 10.94
CA LYS B 29 -17.31 5.09 10.24
C LYS B 29 -16.91 6.48 10.72
N ILE B 30 -17.91 7.31 10.94
CA ILE B 30 -17.66 8.63 11.55
C ILE B 30 -17.06 8.51 12.95
N GLN B 31 -17.61 7.62 13.74
CA GLN B 31 -17.05 7.35 15.06
C GLN B 31 -15.56 6.93 14.94
N ASP B 32 -15.26 6.05 13.99
CA ASP B 32 -13.87 5.60 13.75
C ASP B 32 -12.94 6.75 13.49
N LYS B 33 -13.40 7.74 12.74
CA LYS B 33 -12.55 8.89 12.40
C LYS B 33 -12.55 10.03 13.42
N GLU B 34 -13.70 10.30 14.03
CA GLU B 34 -13.85 11.48 14.87
C GLU B 34 -14.08 11.18 16.34
N GLY B 35 -14.31 9.93 16.66
CA GLY B 35 -14.57 9.57 18.05
C GLY B 35 -15.93 9.97 18.60
N ILE B 36 -16.86 10.33 17.73
CA ILE B 36 -18.18 10.71 18.16
C ILE B 36 -19.10 9.50 18.21
N PRO B 37 -19.70 9.21 19.37
CA PRO B 37 -20.61 8.07 19.41
C PRO B 37 -21.83 8.24 18.50
N PRO B 38 -22.24 7.13 17.85
CA PRO B 38 -23.32 7.22 16.90
C PRO B 38 -24.61 7.77 17.47
N ASP B 39 -24.88 7.48 18.75
CA ASP B 39 -26.14 7.97 19.35
C ASP B 39 -26.14 9.50 19.47
N GLN B 40 -24.97 10.12 19.38
CA GLN B 40 -24.90 11.58 19.40
C GLN B 40 -24.91 12.27 18.05
N GLN B 41 -24.86 11.48 16.98
CA GLN B 41 -24.77 12.02 15.63
C GLN B 41 -26.12 12.15 15.01
N ARG B 42 -26.35 13.27 14.38
CA ARG B 42 -27.48 13.41 13.50
C ARG B 42 -26.94 13.69 12.13
N LEU B 43 -27.40 12.94 11.13
CA LEU B 43 -26.97 13.14 9.73
C LEU B 43 -28.15 13.64 8.92
N ILE B 44 -27.88 14.63 8.10
CA ILE B 44 -28.88 15.30 7.29
C ILE B 44 -28.44 15.27 5.83
N PHE B 45 -29.34 14.89 4.95
CA PHE B 45 -29.11 14.98 3.50
C PHE B 45 -30.38 15.49 2.81
N ALA B 46 -30.20 16.47 1.95
CA ALA B 46 -31.32 17.11 1.22
C ALA B 46 -32.41 17.53 2.16
N GLY B 47 -32.03 18.09 3.30
CA GLY B 47 -33.00 18.62 4.26
C GLY B 47 -33.67 17.60 5.17
N LYS B 48 -33.30 16.34 5.04
CA LYS B 48 -33.95 15.24 5.75
C LYS B 48 -32.98 14.63 6.73
N GLN B 49 -33.50 14.28 7.88
CA GLN B 49 -32.74 13.55 8.86
C GLN B 49 -32.67 12.05 8.51
N LEU B 50 -31.48 11.51 8.50
CA LEU B 50 -31.29 10.15 8.01
C LEU B 50 -31.56 9.15 9.12
N GLU B 51 -32.36 8.12 8.82
CA GLU B 51 -32.66 7.03 9.79
C GLU B 51 -31.64 5.92 9.72
N ASP B 52 -31.27 5.45 10.91
CA ASP B 52 -30.18 4.47 11.08
C ASP B 52 -30.30 3.17 10.30
N GLY B 53 -31.52 2.68 10.15
CA GLY B 53 -31.75 1.39 9.49
C GLY B 53 -31.83 1.44 7.98
N ARG B 54 -31.82 2.64 7.41
CA ARG B 54 -31.97 2.78 5.97
C ARG B 54 -30.59 2.87 5.31
N THR B 55 -30.55 2.68 3.99
CA THR B 55 -29.28 2.66 3.28
C THR B 55 -29.07 3.93 2.53
N LEU B 56 -27.82 4.14 2.16
CA LEU B 56 -27.47 5.30 1.33
C LEU B 56 -28.24 5.31 -0.01
N SER B 57 -28.36 4.16 -0.64
CA SER B 57 -29.09 3.95 -1.90
C SER B 57 -30.58 4.25 -1.73
N ASP B 58 -31.14 3.86 -0.62
CA ASP B 58 -32.52 4.25 -0.30
C ASP B 58 -32.69 5.80 -0.36
N TYR B 59 -31.73 6.56 0.17
CA TYR B 59 -31.83 8.04 0.23
C TYR B 59 -31.29 8.74 -1.01
N ASN B 60 -30.84 7.92 -1.96
CA ASN B 60 -30.29 8.39 -3.22
C ASN B 60 -29.02 9.17 -2.99
N ILE B 61 -28.25 8.73 -2.01
CA ILE B 61 -26.96 9.30 -1.72
C ILE B 61 -25.96 8.63 -2.67
N GLN B 62 -25.31 9.44 -3.48
CA GLN B 62 -24.46 8.93 -4.55
C GLN B 62 -23.04 9.43 -4.37
N LYS B 63 -22.18 9.08 -5.32
CA LYS B 63 -20.79 9.51 -5.25
C LYS B 63 -20.77 11.04 -5.19
N GLU B 64 -19.89 11.51 -4.32
CA GLU B 64 -19.68 12.97 -4.11
C GLU B 64 -20.77 13.71 -3.36
N SER B 65 -21.78 12.99 -2.92
CA SER B 65 -22.82 13.57 -2.11
C SER B 65 -22.23 14.13 -0.81
N THR B 66 -22.82 15.20 -0.33
CA THR B 66 -22.44 15.78 0.96
C THR B 66 -23.55 15.61 1.98
N LEU B 67 -23.19 15.00 3.10
CA LEU B 67 -24.08 14.90 4.25
C LEU B 67 -23.62 15.88 5.32
N HIS B 68 -24.55 16.32 6.16
CA HIS B 68 -24.23 17.22 7.21
C HIS B 68 -24.38 16.51 8.49
N LEU B 69 -23.42 16.73 9.35
CA LEU B 69 -23.39 16.15 10.68
C LEU B 69 -23.58 17.24 11.73
N VAL B 70 -24.50 16.98 12.62
CA VAL B 70 -24.75 17.83 13.78
C VAL B 70 -24.86 16.96 15.02
N LEU B 71 -24.49 17.53 16.15
CA LEU B 71 -24.59 16.84 17.42
C LEU B 71 -25.99 17.07 17.95
N ARG B 72 -26.54 16.06 18.63
CA ARG B 72 -27.83 16.17 19.34
C ARG B 72 -27.70 16.89 20.70
N LEU B 73 -28.72 17.64 21.09
CA LEU B 73 -28.83 18.22 22.47
C LEU B 73 -29.71 17.44 23.40
N ARG B 74 -30.48 16.54 22.83
CA ARG B 74 -31.38 15.71 23.55
C ARG B 74 -31.38 14.36 22.89
N GLY B 75 -31.78 13.34 23.61
CA GLY B 75 -31.90 11.98 23.08
C GLY B 75 -33.21 11.59 22.37
N GLY B 76 -33.85 12.58 21.73
CA GLY B 76 -34.71 12.34 20.59
C GLY B 76 -33.99 11.63 19.44
N ALA C 7 -9.60 6.73 -44.48
CA ALA C 7 -11.01 6.69 -44.99
C ALA C 7 -11.83 7.89 -44.54
N LEU C 8 -11.69 8.27 -43.29
CA LEU C 8 -12.74 9.06 -42.69
C LEU C 8 -12.91 10.38 -43.40
N ARG C 9 -14.16 10.67 -43.71
CA ARG C 9 -14.51 11.91 -44.37
C ARG C 9 -15.16 12.88 -43.41
N SER C 10 -15.57 12.38 -42.25
CA SER C 10 -16.04 13.28 -41.19
C SER C 10 -15.85 12.63 -39.85
N CYS C 11 -15.78 13.46 -38.83
CA CYS C 11 -15.60 12.93 -37.49
C CYS C 11 -16.88 12.27 -37.04
N PRO C 12 -16.78 11.03 -36.55
CA PRO C 12 -17.99 10.33 -36.09
C PRO C 12 -18.53 10.87 -34.75
N MET C 13 -17.75 11.70 -34.07
CA MET C 13 -18.16 12.21 -32.76
C MET C 13 -18.84 13.57 -32.92
N CYS C 14 -18.22 14.46 -33.67
CA CYS C 14 -18.71 15.84 -33.78
C CYS C 14 -19.19 16.23 -35.17
N GLN C 15 -19.12 15.30 -36.11
CA GLN C 15 -19.50 15.50 -37.49
C GLN C 15 -18.75 16.55 -38.30
N LYS C 16 -17.63 17.03 -37.80
CA LYS C 16 -16.82 17.97 -38.58
C LYS C 16 -16.38 17.26 -39.85
N GLU C 17 -16.48 17.96 -40.99
CA GLU C 17 -15.99 17.39 -42.26
C GLU C 17 -14.46 17.43 -42.33
N PHE C 18 -13.84 16.36 -42.79
CA PHE C 18 -12.39 16.38 -42.94
C PHE C 18 -12.02 16.78 -44.38
N ALA C 19 -11.54 18.01 -44.53
CA ALA C 19 -11.13 18.52 -45.83
C ALA C 19 -9.95 17.71 -46.38
N PRO C 20 -9.77 17.70 -47.73
CA PRO C 20 -8.67 16.89 -48.31
C PRO C 20 -7.29 17.40 -47.96
N ARG C 21 -7.15 18.67 -47.59
CA ARG C 21 -5.85 19.17 -47.15
C ARG C 21 -5.33 18.50 -45.82
N LEU C 22 -6.21 17.85 -45.07
CA LEU C 22 -5.83 17.17 -43.82
C LEU C 22 -5.10 15.87 -44.09
N THR C 23 -3.99 15.68 -43.41
CA THR C 23 -3.27 14.41 -43.44
C THR C 23 -3.91 13.41 -42.49
N GLN C 24 -3.49 12.16 -42.61
CA GLN C 24 -3.98 11.11 -41.71
C GLN C 24 -3.66 11.48 -40.27
N LEU C 25 -2.48 12.06 -40.06
CA LEU C 25 -2.06 12.52 -38.73
C LEU C 25 -2.97 13.61 -38.18
N ASP C 26 -3.32 14.57 -39.03
CA ASP C 26 -4.28 15.60 -38.63
C ASP C 26 -5.60 14.99 -38.20
N VAL C 27 -6.08 14.04 -38.96
CA VAL C 27 -7.37 13.46 -38.68
C VAL C 27 -7.30 12.68 -37.37
N ASP C 28 -6.23 11.91 -37.18
CA ASP C 28 -6.08 11.12 -35.96
C ASP C 28 -6.04 12.03 -34.73
N SER C 29 -5.32 13.14 -34.88
CA SER C 29 -5.21 14.10 -33.83
C SER C 29 -6.58 14.70 -33.48
N HIS C 30 -7.37 14.98 -34.49
CA HIS C 30 -8.73 15.53 -34.28
C HIS C 30 -9.57 14.52 -33.55
N LEU C 31 -9.50 13.30 -34.02
CA LEU C 31 -10.25 12.20 -33.38
C LEU C 31 -9.87 12.04 -31.91
N ALA C 32 -8.57 12.11 -31.62
CA ALA C 32 -8.10 11.93 -30.29
C ALA C 32 -8.70 13.02 -29.35
N GLN C 33 -8.71 14.24 -29.85
CA GLN C 33 -9.28 15.33 -29.08
C GLN C 33 -10.76 15.17 -28.84
N CYS C 34 -11.48 14.74 -29.87
CA CYS C 34 -12.91 14.50 -29.71
C CYS C 34 -13.19 13.36 -28.75
N LEU C 35 -12.41 12.31 -28.83
CA LEU C 35 -12.57 11.24 -27.88
C LEU C 35 -12.30 11.68 -26.42
N ALA C 36 -11.24 12.45 -26.22
CA ALA C 36 -10.82 12.87 -24.90
C ALA C 36 -11.83 13.80 -24.28
N GLU C 37 -12.48 14.57 -25.13
CA GLU C 37 -13.40 15.58 -24.61
C GLU C 37 -14.71 14.92 -24.18
N SER C 38 -15.02 13.74 -24.73
CA SER C 38 -16.24 13.05 -24.36
C SER C 38 -16.05 12.37 -23.01
N THR C 39 -17.07 12.53 -22.20
CA THR C 39 -17.05 12.13 -20.83
C THR C 39 -17.17 10.59 -20.80
N GLU C 40 -17.81 10.01 -21.82
CA GLU C 40 -17.95 8.56 -22.00
C GLU C 40 -17.06 7.99 -23.08
N ASP C 41 -16.77 6.70 -22.97
CA ASP C 41 -16.06 5.98 -24.04
C ASP C 41 -16.93 5.73 -25.24
N VAL C 42 -16.44 6.12 -26.39
CA VAL C 42 -17.19 6.04 -27.61
C VAL C 42 -16.56 5.02 -28.53
N THR C 43 -17.41 4.40 -29.35
CA THR C 43 -17.01 3.47 -30.40
C THR C 43 -17.43 4.07 -31.70
N TRP C 44 -16.68 3.80 -32.76
CA TRP C 44 -17.12 4.17 -34.08
C TRP C 44 -16.62 3.18 -35.11
N MET D 1 17.75 -0.50 -42.18
CA MET D 1 18.38 -1.76 -42.58
C MET D 1 18.23 -2.77 -41.47
N GLN D 2 18.30 -4.04 -41.85
CA GLN D 2 18.26 -5.14 -40.89
C GLN D 2 19.63 -5.46 -40.40
N ILE D 3 19.75 -5.68 -39.11
CA ILE D 3 20.92 -6.40 -38.55
C ILE D 3 20.46 -7.51 -37.64
N PHE D 4 21.40 -8.40 -37.32
CA PHE D 4 21.09 -9.56 -36.50
C PHE D 4 21.90 -9.50 -35.22
N VAL D 5 21.29 -9.92 -34.14
CA VAL D 5 21.93 -10.01 -32.86
C VAL D 5 21.79 -11.46 -32.39
N LYS D 6 22.92 -12.15 -32.32
CA LYS D 6 22.93 -13.56 -31.95
C LYS D 6 23.22 -13.67 -30.46
N THR D 7 22.50 -14.56 -29.81
CA THR D 7 22.68 -14.83 -28.39
C THR D 7 23.36 -16.14 -28.23
N LEU D 8 23.84 -16.42 -27.04
CA LEU D 8 24.63 -17.63 -26.85
C LEU D 8 23.84 -18.93 -26.89
N THR D 9 22.54 -18.83 -26.80
CA THR D 9 21.66 -20.00 -26.97
C THR D 9 21.28 -20.25 -28.42
N GLY D 10 21.80 -19.42 -29.31
CA GLY D 10 21.60 -19.62 -30.74
C GLY D 10 20.43 -18.83 -31.30
N LYS D 11 19.74 -18.08 -30.46
CA LYS D 11 18.59 -17.33 -30.93
C LYS D 11 19.13 -16.09 -31.65
N THR D 12 18.40 -15.69 -32.65
CA THR D 12 18.75 -14.50 -33.39
C THR D 12 17.64 -13.47 -33.22
N ILE D 13 18.02 -12.27 -32.83
CA ILE D 13 17.10 -11.12 -32.72
C ILE D 13 17.35 -10.29 -33.95
N THR D 14 16.29 -9.96 -34.69
CA THR D 14 16.45 -9.17 -35.86
C THR D 14 16.05 -7.76 -35.49
N LEU D 15 16.88 -6.81 -35.85
CA LEU D 15 16.58 -5.39 -35.59
C LEU D 15 16.56 -4.59 -36.86
N GLU D 16 15.69 -3.59 -36.89
CA GLU D 16 15.67 -2.57 -37.92
C GLU D 16 16.36 -1.36 -37.34
N VAL D 17 17.41 -0.93 -38.04
CA VAL D 17 18.25 0.13 -37.52
C VAL D 17 18.71 1.03 -38.65
N GLU D 18 19.32 2.16 -38.27
CA GLU D 18 19.95 3.07 -39.21
C GLU D 18 21.42 3.17 -38.87
N PRO D 19 22.28 3.43 -39.89
CA PRO D 19 23.71 3.46 -39.67
C PRO D 19 24.11 4.49 -38.61
N SER D 20 23.30 5.53 -38.46
CA SER D 20 23.57 6.60 -37.49
C SER D 20 23.07 6.30 -36.08
N ASP D 21 22.33 5.20 -35.90
CA ASP D 21 21.91 4.78 -34.56
C ASP D 21 23.14 4.50 -33.69
N THR D 22 23.05 4.87 -32.42
CA THR D 22 24.13 4.59 -31.47
C THR D 22 23.97 3.19 -30.91
N ILE D 23 25.03 2.68 -30.30
CA ILE D 23 24.96 1.39 -29.56
C ILE D 23 23.91 1.45 -28.43
N GLU D 24 23.83 2.59 -27.77
CA GLU D 24 22.82 2.82 -26.73
C GLU D 24 21.41 2.65 -27.29
N ASN D 25 21.18 3.21 -28.48
CA ASN D 25 19.89 3.08 -29.18
C ASN D 25 19.61 1.61 -29.44
N VAL D 26 20.63 0.90 -29.86
CA VAL D 26 20.47 -0.53 -30.22
C VAL D 26 20.09 -1.34 -28.99
N LYS D 27 20.77 -1.08 -27.90
CA LYS D 27 20.44 -1.73 -26.62
C LYS D 27 19.00 -1.40 -26.16
N ALA D 28 18.56 -0.17 -26.42
CA ALA D 28 17.20 0.22 -26.03
C ALA D 28 16.20 -0.55 -26.88
N LYS D 29 16.53 -0.78 -28.16
CA LYS D 29 15.69 -1.59 -29.04
C LYS D 29 15.61 -2.98 -28.51
N ILE D 30 16.77 -3.52 -28.11
CA ILE D 30 16.84 -4.89 -27.59
C ILE D 30 15.96 -4.94 -26.34
N GLN D 31 16.03 -3.93 -25.46
CA GLN D 31 15.15 -3.87 -24.28
C GLN D 31 13.66 -3.83 -24.63
N ASP D 32 13.29 -2.97 -25.58
CA ASP D 32 11.86 -2.86 -26.02
C ASP D 32 11.35 -4.16 -26.59
N LYS D 33 12.18 -4.87 -27.36
CA LYS D 33 11.78 -6.13 -27.97
C LYS D 33 11.91 -7.34 -27.09
N GLU D 34 12.96 -7.40 -26.29
CA GLU D 34 13.28 -8.62 -25.52
C GLU D 34 13.16 -8.46 -23.99
N GLY D 35 12.99 -7.24 -23.52
CA GLY D 35 12.86 -6.98 -22.08
C GLY D 35 14.16 -7.04 -21.30
N ILE D 36 15.31 -7.02 -21.97
CA ILE D 36 16.59 -7.05 -21.29
C ILE D 36 17.08 -5.64 -21.00
N PRO D 37 17.32 -5.29 -19.71
CA PRO D 37 17.88 -3.97 -19.48
C PRO D 37 19.24 -3.74 -20.12
N PRO D 38 19.42 -2.56 -20.71
CA PRO D 38 20.70 -2.26 -21.35
C PRO D 38 21.93 -2.48 -20.49
N ASP D 39 21.83 -2.21 -19.19
CA ASP D 39 23.01 -2.37 -18.33
C ASP D 39 23.41 -3.80 -18.14
N GLN D 40 22.54 -4.73 -18.48
CA GLN D 40 22.91 -6.14 -18.44
C GLN D 40 23.39 -6.70 -19.81
N GLN D 41 23.45 -5.83 -20.81
CA GLN D 41 23.81 -6.23 -22.18
C GLN D 41 25.24 -5.89 -22.50
N ARG D 42 25.93 -6.83 -23.11
CA ARG D 42 27.22 -6.55 -23.73
C ARG D 42 27.15 -6.97 -25.20
N LEU D 43 27.59 -6.10 -26.09
CA LEU D 43 27.54 -6.36 -27.53
C LEU D 43 28.94 -6.47 -28.06
N ILE D 44 29.16 -7.45 -28.93
CA ILE D 44 30.45 -7.67 -29.58
C ILE D 44 30.28 -7.71 -31.09
N PHE D 45 31.15 -7.00 -31.79
CA PHE D 45 31.22 -7.05 -33.26
C PHE D 45 32.65 -6.82 -33.69
N ALA D 46 33.09 -7.63 -34.62
CA ALA D 46 34.37 -7.46 -35.31
C ALA D 46 35.48 -7.32 -34.29
N GLY D 47 35.44 -8.15 -33.24
CA GLY D 47 36.50 -8.19 -32.26
C GLY D 47 36.43 -7.15 -31.17
N LYS D 48 35.39 -6.34 -31.18
CA LYS D 48 35.26 -5.25 -30.23
C LYS D 48 34.02 -5.37 -29.39
N GLN D 49 34.16 -4.94 -28.16
CA GLN D 49 33.03 -4.74 -27.28
C GLN D 49 32.46 -3.33 -27.55
N LEU D 50 31.22 -3.24 -27.96
CA LEU D 50 30.70 -2.00 -28.59
C LEU D 50 30.38 -0.95 -27.52
N GLU D 51 30.86 0.28 -27.71
CA GLU D 51 30.65 1.36 -26.75
C GLU D 51 29.37 2.12 -27.04
N ASP D 52 28.66 2.43 -25.97
CA ASP D 52 27.31 2.99 -26.04
C ASP D 52 27.16 4.27 -26.86
N GLY D 53 28.17 5.12 -26.82
CA GLY D 53 28.07 6.45 -27.43
C GLY D 53 28.44 6.46 -28.91
N ARG D 54 28.92 5.33 -29.41
CA ARG D 54 29.35 5.25 -30.80
C ARG D 54 28.21 4.76 -31.68
N THR D 55 28.35 4.97 -32.99
CA THR D 55 27.31 4.60 -33.94
C THR D 55 27.65 3.31 -34.67
N LEU D 56 26.61 2.72 -35.25
CA LEU D 56 26.80 1.49 -36.03
C LEU D 56 27.76 1.74 -37.18
N SER D 57 27.60 2.88 -37.88
CA SER D 57 28.53 3.22 -38.96
C SER D 57 29.96 3.37 -38.45
N ASP D 58 30.17 3.87 -37.24
CA ASP D 58 31.54 3.94 -36.64
C ASP D 58 32.24 2.59 -36.57
N TYR D 59 31.45 1.54 -36.37
CA TYR D 59 31.98 0.17 -36.26
C TYR D 59 31.88 -0.61 -37.58
N ASN D 60 31.42 0.06 -38.61
CA ASN D 60 31.30 -0.56 -39.92
C ASN D 60 30.26 -1.66 -39.91
N ILE D 61 29.23 -1.47 -39.09
CA ILE D 61 28.13 -2.39 -39.05
C ILE D 61 27.18 -2.04 -40.20
N GLN D 62 26.88 -3.01 -41.04
CA GLN D 62 26.07 -2.77 -42.25
C GLN D 62 24.88 -3.72 -42.33
N ARG D 63 24.14 -3.66 -43.44
CA ARG D 63 22.98 -4.52 -43.62
C ARG D 63 23.37 -5.99 -43.46
N GLU D 64 22.58 -6.70 -42.69
CA GLU D 64 22.74 -8.14 -42.40
C GLU D 64 24.02 -8.47 -41.65
N SER D 65 24.66 -7.47 -41.09
CA SER D 65 25.74 -7.70 -40.09
C SER D 65 25.17 -8.44 -38.86
N THR D 66 26.01 -9.30 -38.26
CA THR D 66 25.64 -10.02 -37.06
C THR D 66 26.50 -9.57 -35.86
N LEU D 67 25.82 -9.11 -34.84
CA LEU D 67 26.43 -8.75 -33.56
C LEU D 67 26.21 -9.91 -32.62
N HIS D 68 27.06 -10.01 -31.60
CA HIS D 68 26.83 -10.99 -30.54
C HIS D 68 26.46 -10.30 -29.21
N LEU D 69 25.45 -10.85 -28.56
CA LEU D 69 24.93 -10.36 -27.28
C LEU D 69 25.26 -11.34 -26.17
N VAL D 70 25.88 -10.82 -25.13
CA VAL D 70 26.15 -11.58 -23.93
C VAL D 70 25.41 -10.85 -22.82
N LEU D 71 24.70 -11.63 -22.02
CA LEU D 71 23.97 -11.12 -20.86
C LEU D 71 24.73 -11.37 -19.59
N ARG D 72 24.65 -10.41 -18.68
CA ARG D 72 25.25 -10.54 -17.39
C ARG D 72 24.23 -10.61 -16.27
N LEU D 73 24.40 -11.56 -15.36
CA LEU D 73 23.58 -11.61 -14.16
C LEU D 73 24.02 -10.52 -13.21
N ARG D 74 23.08 -9.87 -12.56
CA ARG D 74 23.46 -8.84 -11.60
C ARG D 74 23.98 -9.49 -10.36
N GLY D 75 24.79 -8.74 -9.62
CA GLY D 75 25.18 -9.15 -8.28
C GLY D 75 24.11 -8.70 -7.30
N GLY D 76 24.37 -9.00 -6.03
CA GLY D 76 23.48 -8.67 -4.94
C GLY D 76 23.26 -7.19 -4.90
N MET E 1 17.36 -0.34 0.13
CA MET E 1 17.85 -1.69 -0.19
C MET E 1 16.91 -2.70 0.40
N GLN E 2 16.95 -3.86 -0.18
CA GLN E 2 16.10 -4.93 0.24
C GLN E 2 16.82 -5.85 1.22
N ILE E 3 16.14 -6.23 2.30
CA ILE E 3 16.61 -7.33 3.16
C ILE E 3 15.50 -8.36 3.34
N PHE E 4 15.89 -9.55 3.79
CA PHE E 4 14.97 -10.65 4.02
C PHE E 4 14.91 -10.95 5.51
N VAL E 5 13.71 -11.23 6.00
CA VAL E 5 13.49 -11.62 7.37
C VAL E 5 12.81 -12.98 7.34
N LYS E 6 13.50 -13.96 7.81
CA LYS E 6 13.02 -15.32 7.80
C LYS E 6 12.44 -15.71 9.15
N THR E 7 11.36 -16.45 9.14
CA THR E 7 10.82 -17.06 10.34
C THR E 7 10.99 -18.58 10.29
N LEU E 8 10.89 -19.19 11.45
CA LEU E 8 10.97 -20.65 11.53
C LEU E 8 9.73 -21.38 11.03
N THR E 9 8.67 -20.63 10.81
CA THR E 9 7.46 -21.17 10.22
C THR E 9 7.57 -21.20 8.70
N GLY E 10 8.70 -20.77 8.18
CA GLY E 10 8.97 -20.92 6.76
C GLY E 10 8.55 -19.72 5.93
N LYS E 11 8.20 -18.62 6.57
CA LYS E 11 7.91 -17.41 5.87
C LYS E 11 9.16 -16.56 5.66
N THR E 12 9.25 -15.93 4.50
CA THR E 12 10.27 -14.91 4.29
C THR E 12 9.55 -13.61 4.04
N ILE E 13 9.94 -12.61 4.81
CA ILE E 13 9.37 -11.30 4.73
C ILE E 13 10.43 -10.49 4.01
N THR E 14 10.05 -9.76 2.96
CA THR E 14 10.98 -8.85 2.32
C THR E 14 10.74 -7.43 2.78
N LEU E 15 11.80 -6.75 3.18
CA LEU E 15 11.69 -5.36 3.63
C LEU E 15 12.56 -4.45 2.81
N GLU E 16 12.05 -3.24 2.62
CA GLU E 16 12.82 -2.14 2.04
C GLU E 16 13.29 -1.26 3.17
N VAL E 17 14.60 -1.10 3.25
CA VAL E 17 15.22 -0.39 4.36
C VAL E 17 16.39 0.44 3.89
N GLU E 18 16.90 1.25 4.80
CA GLU E 18 18.14 1.98 4.58
C GLU E 18 19.17 1.50 5.60
N PRO E 19 20.47 1.50 5.24
CA PRO E 19 21.52 1.14 6.20
C PRO E 19 21.43 1.90 7.53
N SER E 20 20.94 3.13 7.51
CA SER E 20 20.85 3.93 8.75
C SER E 20 19.64 3.64 9.59
N ASP E 21 18.72 2.84 9.07
CA ASP E 21 17.52 2.51 9.85
C ASP E 21 17.93 1.79 11.14
N THR E 22 17.25 2.11 12.22
CA THR E 22 17.49 1.43 13.48
C THR E 22 16.74 0.11 13.51
N ILE E 23 17.16 -0.77 14.41
CA ILE E 23 16.45 -2.02 14.62
C ILE E 23 14.99 -1.76 15.00
N GLU E 24 14.76 -0.73 15.82
CA GLU E 24 13.38 -0.37 16.22
C GLU E 24 12.54 -0.05 15.00
N ASN E 25 13.14 0.68 14.08
CA ASN E 25 12.49 1.00 12.83
C ASN E 25 12.14 -0.23 11.96
N VAL E 26 13.06 -1.17 11.94
CA VAL E 26 12.85 -2.43 11.25
C VAL E 26 11.70 -3.23 11.85
N LYS E 27 11.68 -3.30 13.16
CA LYS E 27 10.60 -3.99 13.87
C LYS E 27 9.24 -3.34 13.59
N ALA E 28 9.24 -2.02 13.47
CA ALA E 28 7.99 -1.31 13.14
C ALA E 28 7.51 -1.71 11.74
N LYS E 29 8.45 -1.89 10.83
CA LYS E 29 8.11 -2.33 9.47
C LYS E 29 7.57 -3.75 9.45
N ILE E 30 8.17 -4.59 10.28
CA ILE E 30 7.66 -5.95 10.46
C ILE E 30 6.24 -5.96 11.03
N GLN E 31 6.02 -5.12 12.03
CA GLN E 31 4.67 -4.96 12.56
C GLN E 31 3.68 -4.57 11.45
N ASP E 32 4.06 -3.60 10.64
CA ASP E 32 3.20 -3.19 9.53
C ASP E 32 2.80 -4.32 8.63
N LYS E 33 3.73 -5.20 8.33
CA LYS E 33 3.48 -6.28 7.38
C LYS E 33 2.87 -7.52 7.99
N GLU E 34 3.27 -7.84 9.22
CA GLU E 34 2.88 -9.11 9.84
C GLU E 34 2.03 -8.96 11.09
N GLY E 35 1.84 -7.74 11.55
CA GLY E 35 0.98 -7.50 12.73
C GLY E 35 1.58 -7.92 14.05
N ILE E 36 2.88 -8.16 14.11
CA ILE E 36 3.53 -8.54 15.35
C ILE E 36 4.09 -7.32 16.07
N PRO E 37 3.67 -7.11 17.36
CA PRO E 37 4.21 -5.95 18.05
C PRO E 37 5.73 -6.05 18.20
N PRO E 38 6.41 -4.91 18.10
CA PRO E 38 7.84 -4.88 18.23
C PRO E 38 8.38 -5.48 19.53
N ASP E 39 7.66 -5.29 20.62
CA ASP E 39 8.12 -5.82 21.93
C ASP E 39 8.12 -7.35 21.98
N GLN E 40 7.40 -7.97 21.06
CA GLN E 40 7.39 -9.43 20.96
C GLN E 40 8.37 -10.04 19.95
N GLN E 41 9.09 -9.18 19.26
CA GLN E 41 10.02 -9.59 18.21
C GLN E 41 11.42 -9.66 18.73
N ARG E 42 12.09 -10.74 18.37
CA ARG E 42 13.53 -10.79 18.48
C ARG E 42 14.11 -10.99 17.10
N LEU E 43 15.10 -10.17 16.77
CA LEU E 43 15.80 -10.30 15.49
C LEU E 43 17.22 -10.74 15.70
N ILE E 44 17.64 -11.67 14.85
CA ILE E 44 18.95 -12.27 14.94
C ILE E 44 19.64 -12.15 13.60
N PHE E 45 20.88 -11.73 13.62
CA PHE E 45 21.67 -11.72 12.40
C PHE E 45 23.04 -12.27 12.73
N ALA E 46 23.45 -13.27 11.95
CA ALA E 46 24.76 -13.91 12.11
C ALA E 46 25.02 -14.34 13.57
N GLY E 47 24.01 -14.91 14.20
CA GLY E 47 24.11 -15.41 15.57
C GLY E 47 23.93 -14.41 16.69
N LYS E 48 23.67 -13.16 16.35
CA LYS E 48 23.62 -12.08 17.34
C LYS E 48 22.26 -11.49 17.39
N GLN E 49 21.84 -11.13 18.59
CA GLN E 49 20.55 -10.54 18.80
C GLN E 49 20.68 -9.06 18.56
N LEU E 50 19.80 -8.52 17.73
CA LEU E 50 19.91 -7.13 17.34
C LEU E 50 19.25 -6.20 18.34
N GLU E 51 19.98 -5.18 18.76
CA GLU E 51 19.48 -4.22 19.77
C GLU E 51 18.78 -3.04 19.12
N ASP E 52 17.66 -2.64 19.74
CA ASP E 52 16.71 -1.68 19.16
C ASP E 52 17.30 -0.32 18.75
N GLY E 53 18.22 0.18 19.55
CA GLY E 53 18.79 1.50 19.34
C GLY E 53 19.91 1.54 18.32
N ARG E 54 20.36 0.39 17.85
CA ARG E 54 21.46 0.32 16.87
C ARG E 54 20.93 0.27 15.44
N THR E 55 21.81 0.50 14.48
CA THR E 55 21.41 0.57 13.08
C THR E 55 21.81 -0.69 12.34
N LEU E 56 21.22 -0.86 11.17
CA LEU E 56 21.59 -1.97 10.30
C LEU E 56 23.06 -1.93 9.94
N SER E 57 23.55 -0.73 9.61
CA SER E 57 24.98 -0.56 9.28
C SER E 57 25.86 -1.00 10.44
N ASP E 58 25.43 -0.74 11.67
CA ASP E 58 26.20 -1.15 12.86
C ASP E 58 26.49 -2.63 12.90
N TYR E 59 25.55 -3.40 12.36
CA TYR E 59 25.65 -4.86 12.34
C TYR E 59 26.14 -5.39 11.00
N ASN E 60 26.49 -4.49 10.10
CA ASN E 60 27.04 -4.86 8.80
C ASN E 60 25.97 -5.56 7.98
N ILE E 61 24.72 -5.17 8.19
CA ILE E 61 23.61 -5.71 7.45
C ILE E 61 23.54 -4.95 6.13
N GLN E 62 23.58 -5.69 5.03
CA GLN E 62 23.67 -5.10 3.71
C GLN E 62 22.55 -5.59 2.81
N LYS E 63 22.58 -5.16 1.56
CA LYS E 63 21.58 -5.61 0.59
C LYS E 63 21.51 -7.11 0.54
N GLU E 64 20.28 -7.58 0.57
CA GLU E 64 19.93 -9.02 0.48
C GLU E 64 20.44 -9.86 1.66
N SER E 65 20.84 -9.20 2.73
CA SER E 65 21.10 -9.88 4.00
C SER E 65 19.83 -10.57 4.48
N THR E 66 20.00 -11.71 5.15
CA THR E 66 18.89 -12.39 5.79
C THR E 66 18.95 -12.31 7.33
N LEU E 67 17.90 -11.80 7.94
CA LEU E 67 17.73 -11.77 9.39
C LEU E 67 16.75 -12.86 9.79
N HIS E 68 16.82 -13.32 11.03
CA HIS E 68 15.83 -14.23 11.55
C HIS E 68 14.99 -13.54 12.57
N LEU E 69 13.70 -13.80 12.47
CA LEU E 69 12.75 -13.34 13.42
C LEU E 69 12.21 -14.49 14.24
N VAL E 70 12.22 -14.26 15.55
CA VAL E 70 11.71 -15.21 16.49
C VAL E 70 10.78 -14.45 17.45
N LEU E 71 9.69 -15.09 17.81
CA LEU E 71 8.80 -14.51 18.81
C LEU E 71 9.38 -14.79 20.16
N ARG E 72 9.25 -13.83 21.06
CA ARG E 72 9.70 -14.04 22.44
C ARG E 72 8.69 -14.89 23.16
N LEU E 73 9.21 -15.84 23.92
CA LEU E 73 8.42 -16.67 24.81
C LEU E 73 8.54 -16.31 26.28
N ARG E 74 9.50 -15.46 26.60
CA ARG E 74 9.79 -15.03 27.98
C ARG E 74 10.15 -13.56 27.89
N GLY E 75 10.06 -12.87 29.02
CA GLY E 75 10.34 -11.42 29.06
C GLY E 75 11.79 -10.99 29.23
N GLY E 76 12.73 -11.90 29.00
CA GLY E 76 14.15 -11.55 29.14
C GLY E 76 14.53 -10.16 28.62
N ALA F 6 39.83 -4.75 -33.44
CA ALA F 6 40.80 -4.17 -34.42
C ALA F 6 41.80 -5.24 -34.81
N ALA F 7 42.85 -5.39 -34.02
CA ALA F 7 43.92 -6.30 -34.39
C ALA F 7 43.56 -7.82 -34.37
N LEU F 8 42.44 -8.26 -33.77
CA LEU F 8 42.55 -9.51 -32.96
C LEU F 8 43.11 -10.72 -33.66
N ARG F 9 44.24 -11.12 -33.14
CA ARG F 9 44.89 -12.32 -33.59
C ARG F 9 44.75 -13.44 -32.55
N SER F 10 44.39 -13.08 -31.30
CA SER F 10 44.19 -14.08 -30.25
C SER F 10 43.17 -13.58 -29.24
N CYS F 11 42.56 -14.52 -28.53
CA CYS F 11 41.58 -14.16 -27.52
C CYS F 11 42.26 -13.54 -26.34
N PRO F 12 41.80 -12.37 -25.93
CA PRO F 12 42.41 -11.74 -24.76
C PRO F 12 42.07 -12.41 -23.43
N MET F 13 41.09 -13.31 -23.43
CA MET F 13 40.65 -13.93 -22.21
C MET F 13 41.32 -15.28 -22.01
N CYS F 14 41.37 -16.08 -23.06
CA CYS F 14 41.92 -17.45 -22.94
C CYS F 14 43.20 -17.68 -23.77
N GLN F 15 43.67 -16.64 -24.44
CA GLN F 15 44.88 -16.67 -25.32
C GLN F 15 44.82 -17.61 -26.52
N LYS F 16 43.68 -18.18 -26.83
CA LYS F 16 43.60 -19.01 -28.01
C LYS F 16 43.93 -18.17 -29.25
N GLU F 17 44.73 -18.74 -30.13
CA GLU F 17 45.13 -18.07 -31.36
C GLU F 17 43.99 -18.18 -32.38
N PHE F 18 43.68 -17.11 -33.07
CA PHE F 18 42.60 -17.21 -34.04
C PHE F 18 43.16 -17.62 -35.38
N ALA F 19 42.92 -18.86 -35.79
CA ALA F 19 43.41 -19.36 -37.09
C ALA F 19 42.80 -18.56 -38.23
N PRO F 20 43.49 -18.48 -39.38
CA PRO F 20 42.94 -17.68 -40.48
C PRO F 20 41.64 -18.23 -41.06
N ARG F 21 41.38 -19.53 -40.90
CA ARG F 21 40.13 -20.09 -41.37
C ARG F 21 38.86 -19.50 -40.63
N LEU F 22 39.06 -18.88 -39.47
CA LEU F 22 37.95 -18.29 -38.70
C LEU F 22 37.47 -17.00 -39.34
N THR F 23 36.17 -16.87 -39.48
CA THR F 23 35.56 -15.61 -39.92
C THR F 23 35.37 -14.65 -38.76
N GLN F 24 35.01 -13.39 -39.08
CA GLN F 24 34.73 -12.40 -38.08
C GLN F 24 33.69 -12.95 -37.14
N LEU F 25 32.69 -13.61 -37.72
CA LEU F 25 31.60 -14.16 -36.95
C LEU F 25 32.08 -15.25 -35.96
N ASP F 26 32.95 -16.10 -36.42
CA ASP F 26 33.54 -17.12 -35.53
C ASP F 26 34.33 -16.51 -34.39
N VAL F 27 35.11 -15.50 -34.70
CA VAL F 27 35.90 -14.83 -33.68
C VAL F 27 34.99 -14.18 -32.65
N ASP F 28 33.92 -13.52 -33.14
CA ASP F 28 33.02 -12.83 -32.23
C ASP F 28 32.32 -13.83 -31.32
N SER F 29 31.89 -14.95 -31.91
CA SER F 29 31.27 -16.04 -31.16
C SER F 29 32.21 -16.58 -30.09
N HIS F 30 33.48 -16.77 -30.43
CA HIS F 30 34.44 -17.24 -29.44
C HIS F 30 34.55 -16.23 -28.29
N LEU F 31 34.71 -14.99 -28.65
CA LEU F 31 34.87 -13.91 -27.67
C LEU F 31 33.66 -13.82 -26.75
N ALA F 32 32.48 -13.93 -27.35
CA ALA F 32 31.22 -13.92 -26.59
C ALA F 32 31.18 -15.04 -25.54
N GLN F 33 31.55 -16.24 -25.95
CA GLN F 33 31.60 -17.32 -24.98
C GLN F 33 32.61 -17.16 -23.88
N CYS F 34 33.80 -16.69 -24.24
CA CYS F 34 34.79 -16.40 -23.21
C CYS F 34 34.34 -15.29 -22.26
N LEU F 35 33.72 -14.25 -22.77
CA LEU F 35 33.23 -13.17 -21.90
C LEU F 35 32.14 -13.68 -20.97
N ALA F 36 31.24 -14.49 -21.50
CA ALA F 36 30.12 -15.04 -20.73
C ALA F 36 30.59 -15.96 -19.59
N GLU F 37 31.69 -16.65 -19.84
CA GLU F 37 32.16 -17.64 -18.88
C GLU F 37 32.89 -16.93 -17.74
N SER F 38 33.39 -15.72 -17.98
CA SER F 38 34.10 -14.99 -16.98
C SER F 38 33.17 -14.48 -15.88
N THR F 39 33.65 -14.62 -14.67
CA THR F 39 32.95 -14.22 -13.48
C THR F 39 32.88 -12.71 -13.41
N GLU F 40 33.97 -12.08 -13.79
CA GLU F 40 34.05 -10.62 -13.81
C GLU F 40 33.86 -10.07 -15.22
N ASP F 41 33.39 -8.84 -15.31
CA ASP F 41 33.33 -8.15 -16.59
C ASP F 41 34.73 -7.76 -17.01
N VAL F 42 35.13 -8.15 -18.20
CA VAL F 42 36.47 -7.87 -18.67
C VAL F 42 36.40 -6.91 -19.81
N THR F 43 37.54 -6.29 -20.02
CA THR F 43 37.69 -5.21 -20.95
C THR F 43 39.00 -5.45 -21.70
N TRP F 44 38.97 -5.32 -23.02
CA TRP F 44 40.19 -5.51 -23.79
C TRP F 44 40.38 -4.46 -24.86
N MET G 1 -13.75 4.32 43.84
CA MET G 1 -15.20 4.64 43.99
C MET G 1 -15.81 4.78 42.61
N GLN G 2 -17.11 4.58 42.55
CA GLN G 2 -17.85 4.73 41.33
C GLN G 2 -18.38 6.12 41.19
N ILE G 3 -18.28 6.67 39.99
CA ILE G 3 -19.05 7.87 39.62
C ILE G 3 -19.77 7.63 38.27
N PHE G 4 -20.71 8.50 37.96
CA PHE G 4 -21.53 8.40 36.76
C PHE G 4 -21.32 9.63 35.90
N VAL G 5 -21.26 9.41 34.61
CA VAL G 5 -21.12 10.49 33.63
C VAL G 5 -22.31 10.40 32.68
N LYS G 6 -23.14 11.42 32.69
CA LYS G 6 -24.32 11.47 31.89
C LYS G 6 -24.09 12.26 30.63
N THR G 7 -24.60 11.78 29.51
CA THR G 7 -24.48 12.48 28.21
C THR G 7 -25.79 13.11 27.86
N LEU G 8 -25.78 13.99 26.87
CA LEU G 8 -26.98 14.70 26.50
C LEU G 8 -28.06 13.87 25.82
N THR G 9 -27.67 12.70 25.32
CA THR G 9 -28.63 11.76 24.79
C THR G 9 -29.22 10.81 25.84
N GLY G 10 -28.83 11.02 27.09
CA GLY G 10 -29.41 10.26 28.20
C GLY G 10 -28.63 9.01 28.59
N LYS G 11 -27.49 8.80 27.99
CA LYS G 11 -26.70 7.62 28.26
C LYS G 11 -25.90 7.89 29.54
N THR G 12 -25.72 6.87 30.37
CA THR G 12 -24.90 6.99 31.57
C THR G 12 -23.70 6.10 31.45
N ILE G 13 -22.54 6.67 31.67
CA ILE G 13 -21.27 5.96 31.67
C ILE G 13 -20.88 5.80 33.14
N THR G 14 -20.54 4.60 33.58
CA THR G 14 -20.05 4.44 34.95
C THR G 14 -18.52 4.29 34.97
N LEU G 15 -17.89 5.01 35.86
CA LEU G 15 -16.43 5.00 35.98
C LEU G 15 -16.00 4.63 37.36
N GLU G 16 -14.85 3.95 37.41
CA GLU G 16 -14.14 3.70 38.66
C GLU G 16 -13.00 4.68 38.79
N VAL G 17 -13.00 5.46 39.85
CA VAL G 17 -12.05 6.52 40.02
C VAL G 17 -11.59 6.62 41.47
N GLU G 18 -10.59 7.45 41.70
CA GLU G 18 -10.16 7.83 43.04
C GLU G 18 -10.34 9.34 43.23
N PRO G 19 -10.64 9.78 44.46
CA PRO G 19 -10.78 11.22 44.73
C PRO G 19 -9.59 12.07 44.26
N SER G 20 -8.39 11.48 44.24
CA SER G 20 -7.19 12.21 43.83
C SER G 20 -6.96 12.22 42.30
N ASP G 21 -7.79 11.49 41.55
CA ASP G 21 -7.70 11.52 40.09
C ASP G 21 -8.00 12.93 39.57
N THR G 22 -7.25 13.33 38.56
CA THR G 22 -7.48 14.64 37.94
C THR G 22 -8.59 14.53 36.90
N ILE G 23 -9.15 15.66 36.52
CA ILE G 23 -10.15 15.70 35.46
C ILE G 23 -9.58 15.14 34.16
N GLU G 24 -8.32 15.43 33.91
CA GLU G 24 -7.64 14.87 32.75
C GLU G 24 -7.67 13.35 32.75
N ASN G 25 -7.38 12.77 33.92
CA ASN G 25 -7.44 11.31 34.10
C ASN G 25 -8.83 10.76 33.81
N VAL G 26 -9.85 11.49 34.29
CA VAL G 26 -11.26 11.09 34.10
C VAL G 26 -11.62 11.11 32.61
N LYS G 27 -11.20 12.15 31.92
CA LYS G 27 -11.38 12.20 30.46
C LYS G 27 -10.67 11.06 29.73
N ALA G 28 -9.49 10.70 30.19
CA ALA G 28 -8.77 9.55 29.60
C ALA G 28 -9.56 8.26 29.83
N LYS G 29 -10.18 8.12 30.98
CA LYS G 29 -11.00 6.93 31.24
C LYS G 29 -12.24 6.89 30.36
N ILE G 30 -12.83 8.06 30.15
CA ILE G 30 -13.96 8.19 29.26
C ILE G 30 -13.52 7.76 27.85
N GLN G 31 -12.33 8.19 27.44
CA GLN G 31 -11.78 7.76 26.14
C GLN G 31 -11.60 6.23 26.07
N ASP G 32 -11.03 5.65 27.12
CA ASP G 32 -10.85 4.19 27.22
C ASP G 32 -12.14 3.44 27.05
N LYS G 33 -13.20 3.95 27.64
CA LYS G 33 -14.50 3.27 27.62
C LYS G 33 -15.38 3.59 26.39
N GLU G 34 -15.36 4.84 25.94
CA GLU G 34 -16.26 5.28 24.86
C GLU G 34 -15.57 5.63 23.55
N GLY G 35 -14.25 5.73 23.57
CA GLY G 35 -13.51 6.15 22.38
C GLY G 35 -13.57 7.63 22.02
N ILE G 36 -14.01 8.47 22.95
CA ILE G 36 -14.07 9.93 22.72
C ILE G 36 -12.75 10.56 23.11
N PRO G 37 -12.11 11.27 22.16
CA PRO G 37 -10.89 11.96 22.59
C PRO G 37 -11.11 13.02 23.67
N PRO G 38 -10.21 13.09 24.63
CA PRO G 38 -10.33 14.08 25.68
C PRO G 38 -10.50 15.53 25.23
N ASP G 39 -9.87 15.89 24.13
CA ASP G 39 -9.92 17.30 23.69
C ASP G 39 -11.32 17.68 23.21
N GLN G 40 -12.12 16.68 22.90
CA GLN G 40 -13.52 16.91 22.50
C GLN G 40 -14.50 16.83 23.67
N GLN G 41 -14.01 16.57 24.88
CA GLN G 41 -14.86 16.41 26.07
C GLN G 41 -14.91 17.65 26.96
N ARG G 42 -16.10 18.02 27.38
CA ARG G 42 -16.30 19.04 28.43
C ARG G 42 -17.12 18.43 29.55
N LEU G 43 -16.65 18.56 30.80
CA LEU G 43 -17.34 17.96 31.95
C LEU G 43 -17.90 19.06 32.88
N ILE G 44 -19.10 18.84 33.37
CA ILE G 44 -19.78 19.77 34.27
C ILE G 44 -20.20 19.02 35.53
N PHE G 45 -19.94 19.64 36.68
CA PHE G 45 -20.45 19.13 37.96
C PHE G 45 -20.72 20.31 38.92
N ALA G 46 -21.86 20.24 39.58
CA ALA G 46 -22.21 21.19 40.64
C ALA G 46 -22.04 22.62 40.18
N GLY G 47 -22.46 22.88 38.96
CA GLY G 47 -22.43 24.25 38.46
C GLY G 47 -21.08 24.75 37.99
N LYS G 48 -20.12 23.86 37.88
CA LYS G 48 -18.81 24.18 37.34
C LYS G 48 -18.43 23.34 36.13
N GLN G 49 -17.75 23.98 35.22
CA GLN G 49 -17.06 23.30 34.15
C GLN G 49 -15.72 22.84 34.74
N LEU G 50 -15.43 21.56 34.62
CA LEU G 50 -14.30 20.99 35.35
C LEU G 50 -13.00 21.19 34.60
N GLU G 51 -12.00 21.72 35.29
CA GLU G 51 -10.67 21.99 34.69
C GLU G 51 -9.75 20.80 34.79
N ASP G 52 -9.03 20.56 33.71
CA ASP G 52 -8.21 19.33 33.52
C ASP G 52 -7.18 19.05 34.61
N GLY G 53 -6.54 20.09 35.12
CA GLY G 53 -5.46 19.96 36.10
C GLY G 53 -5.93 19.77 37.53
N ARG G 54 -7.22 19.90 37.75
CA ARG G 54 -7.74 19.77 39.11
C ARG G 54 -8.19 18.35 39.40
N THR G 55 -8.43 18.06 40.67
CA THR G 55 -8.84 16.72 41.07
C THR G 55 -10.32 16.65 41.38
N LEU G 56 -10.83 15.44 41.42
CA LEU G 56 -12.23 15.19 41.81
C LEU G 56 -12.50 15.74 43.19
N SER G 57 -11.60 15.49 44.13
CA SER G 57 -11.80 15.99 45.49
C SER G 57 -11.81 17.53 45.53
N ASP G 58 -11.07 18.20 44.66
CA ASP G 58 -11.12 19.68 44.56
C ASP G 58 -12.53 20.19 44.29
N TYR G 59 -13.30 19.40 43.57
CA TYR G 59 -14.69 19.75 43.20
C TYR G 59 -15.73 19.10 44.10
N ASN G 60 -15.26 18.40 45.12
CA ASN G 60 -16.15 17.75 46.09
C ASN G 60 -16.93 16.66 45.40
N ILE G 61 -16.30 16.01 44.43
CA ILE G 61 -16.93 14.90 43.72
C ILE G 61 -16.70 13.64 44.53
N GLN G 62 -17.79 12.93 44.85
CA GLN G 62 -17.72 11.80 45.75
C GLN G 62 -18.34 10.56 45.13
N ARG G 63 -18.40 9.48 45.92
CA ARG G 63 -19.00 8.26 45.45
C ARG G 63 -20.42 8.51 44.96
N GLU G 64 -20.69 7.93 43.80
CA GLU G 64 -21.99 7.98 43.10
C GLU G 64 -22.40 9.40 42.65
N SER G 65 -21.47 10.34 42.65
CA SER G 65 -21.68 11.65 42.01
C SER G 65 -21.94 11.48 40.53
N THR G 66 -22.80 12.33 39.98
CA THR G 66 -23.10 12.35 38.55
C THR G 66 -22.58 13.64 37.87
N LEU G 67 -21.71 13.42 36.90
CA LEU G 67 -21.12 14.48 36.09
C LEU G 67 -21.87 14.54 34.79
N HIS G 68 -21.83 15.68 34.11
CA HIS G 68 -22.38 15.79 32.77
C HIS G 68 -21.30 16.03 31.72
N LEU G 69 -21.44 15.33 30.61
CA LEU G 69 -20.45 15.35 29.52
C LEU G 69 -21.12 15.99 28.34
N VAL G 70 -20.42 16.97 27.78
CA VAL G 70 -20.78 17.61 26.53
C VAL G 70 -19.62 17.37 25.56
N LEU G 71 -19.95 16.93 24.36
CA LEU G 71 -19.00 16.77 23.26
C LEU G 71 -18.96 17.98 22.34
N ARG G 72 -17.78 18.30 21.87
CA ARG G 72 -17.59 19.36 20.88
C ARG G 72 -17.08 18.83 19.52
N LEU G 73 -17.67 19.32 18.46
CA LEU G 73 -17.13 18.97 17.14
C LEU G 73 -15.81 19.75 16.87
N ARG G 74 -14.84 19.12 16.22
CA ARG G 74 -13.62 19.83 15.86
C ARG G 74 -13.87 20.73 14.68
N GLY G 75 -13.05 21.76 14.54
CA GLY G 75 -13.04 22.57 13.33
C GLY G 75 -12.15 21.91 12.29
N GLY G 76 -12.05 22.54 11.13
CA GLY G 76 -11.27 22.05 10.01
C GLY G 76 -9.83 21.94 10.43
N MET H 1 -0.93 17.61 6.27
CA MET H 1 -2.37 17.94 6.23
C MET H 1 -3.02 17.26 5.03
N GLN H 2 -4.31 17.08 5.13
CA GLN H 2 -5.08 16.47 4.07
C GLN H 2 -5.65 17.50 3.17
N ILE H 3 -5.59 17.24 1.86
CA ILE H 3 -6.42 17.97 0.90
C ILE H 3 -7.19 16.97 0.03
N PHE H 4 -8.24 17.47 -0.63
CA PHE H 4 -9.08 16.69 -1.48
C PHE H 4 -8.95 17.16 -2.91
N VAL H 5 -8.85 16.22 -3.82
CA VAL H 5 -8.73 16.50 -5.25
C VAL H 5 -9.94 15.84 -5.92
N LYS H 6 -10.87 16.64 -6.42
CA LYS H 6 -12.07 16.15 -7.06
C LYS H 6 -11.89 16.09 -8.57
N THR H 7 -12.44 15.06 -9.18
CA THR H 7 -12.55 15.00 -10.63
C THR H 7 -14.00 15.12 -11.04
N LEU H 8 -14.17 15.48 -12.28
CA LEU H 8 -15.54 15.57 -12.84
C LEU H 8 -16.21 14.22 -13.06
N THR H 9 -15.45 13.14 -12.95
CA THR H 9 -16.02 11.80 -12.98
C THR H 9 -16.55 11.39 -11.62
N GLY H 10 -16.44 12.26 -10.64
CA GLY H 10 -17.05 12.03 -9.37
C GLY H 10 -16.16 11.34 -8.37
N LYS H 11 -14.89 11.22 -8.69
CA LYS H 11 -13.91 10.65 -7.78
C LYS H 11 -13.33 11.75 -6.88
N THR H 12 -13.16 11.46 -5.60
CA THR H 12 -12.39 12.33 -4.72
C THR H 12 -11.14 11.59 -4.32
N ILE H 13 -10.01 12.24 -4.51
CA ILE H 13 -8.70 11.68 -4.18
C ILE H 13 -8.30 12.42 -2.91
N THR H 14 -7.92 11.71 -1.86
CA THR H 14 -7.38 12.36 -0.69
C THR H 14 -5.86 12.29 -0.67
N LEU H 15 -5.23 13.43 -0.47
CA LEU H 15 -3.77 13.51 -0.45
C LEU H 15 -3.28 14.04 0.88
N GLU H 16 -2.13 13.52 1.30
CA GLU H 16 -1.41 14.03 2.47
C GLU H 16 -0.27 14.89 1.96
N VAL H 17 -0.27 16.13 2.38
CA VAL H 17 0.66 17.12 1.84
C VAL H 17 1.16 18.04 2.93
N GLU H 18 2.16 18.84 2.58
CA GLU H 18 2.57 19.95 3.41
C GLU H 18 2.33 21.27 2.69
N PRO H 19 2.06 22.36 3.43
CA PRO H 19 1.90 23.67 2.81
C PRO H 19 3.03 24.08 1.88
N SER H 20 4.25 23.65 2.16
CA SER H 20 5.40 24.03 1.37
C SER H 20 5.57 23.16 0.13
N ASP H 21 4.78 22.11 -0.01
CA ASP H 21 4.85 21.26 -1.23
C ASP H 21 4.55 22.11 -2.46
N THR H 22 5.27 21.86 -3.53
CA THR H 22 4.99 22.50 -4.81
C THR H 22 3.86 21.78 -5.54
N ILE H 23 3.25 22.48 -6.48
CA ILE H 23 2.22 21.89 -7.29
C ILE H 23 2.77 20.67 -8.05
N GLU H 24 4.02 20.78 -8.50
CA GLU H 24 4.70 19.65 -9.16
C GLU H 24 4.73 18.41 -8.28
N ASN H 25 5.04 18.63 -7.01
CA ASN H 25 5.03 17.58 -6.01
C ASN H 25 3.64 16.94 -5.83
N VAL H 26 2.62 17.79 -5.84
CA VAL H 26 1.24 17.34 -5.72
C VAL H 26 0.83 16.47 -6.92
N LYS H 27 1.18 16.93 -8.11
CA LYS H 27 0.93 16.16 -9.32
C LYS H 27 1.61 14.80 -9.31
N ALA H 28 2.80 14.76 -8.76
CA ALA H 28 3.50 13.46 -8.63
C ALA H 28 2.75 12.52 -7.72
N LYS H 29 2.18 13.06 -6.65
CA LYS H 29 1.37 12.24 -5.74
C LYS H 29 0.10 11.72 -6.40
N ILE H 30 -0.52 12.57 -7.21
CA ILE H 30 -1.67 12.16 -7.97
C ILE H 30 -1.33 11.09 -9.00
N GLN H 31 -0.20 11.27 -9.66
CA GLN H 31 0.30 10.19 -10.55
C GLN H 31 0.43 8.84 -9.80
N ASP H 32 1.04 8.88 -8.63
CA ASP H 32 1.21 7.67 -7.82
C ASP H 32 -0.09 6.96 -7.60
N LYS H 33 -1.15 7.71 -7.35
CA LYS H 33 -2.43 7.08 -7.04
C LYS H 33 -3.28 6.76 -8.23
N GLU H 34 -3.26 7.62 -9.22
CA GLU H 34 -4.23 7.53 -10.32
C GLU H 34 -3.59 7.17 -11.66
N GLY H 35 -2.28 7.15 -11.70
CA GLY H 35 -1.57 6.81 -12.92
C GLY H 35 -1.65 7.82 -14.04
N ILE H 36 -1.99 9.06 -13.72
CA ILE H 36 -1.95 10.13 -14.69
C ILE H 36 -0.61 10.91 -14.66
N PRO H 37 0.09 10.99 -15.81
CA PRO H 37 1.30 11.79 -15.83
C PRO H 37 1.07 13.25 -15.51
N PRO H 38 1.98 13.84 -14.75
CA PRO H 38 1.83 15.22 -14.34
C PRO H 38 1.63 16.19 -15.48
N ASP H 39 2.25 15.93 -16.64
CA ASP H 39 2.11 16.90 -17.78
C ASP H 39 0.70 16.88 -18.35
N GLN H 40 -0.06 15.86 -18.04
CA GLN H 40 -1.46 15.80 -18.46
C GLN H 40 -2.47 16.30 -17.43
N GLN H 41 -1.98 16.72 -16.29
CA GLN H 41 -2.87 17.18 -15.20
C GLN H 41 -2.98 18.67 -15.16
N ARG H 42 -4.19 19.14 -14.97
CA ARG H 42 -4.39 20.53 -14.65
C ARG H 42 -5.10 20.58 -13.31
N LEU H 43 -4.59 21.37 -12.40
CA LEU H 43 -5.18 21.54 -11.07
C LEU H 43 -5.72 22.96 -10.91
N ILE H 44 -6.90 23.02 -10.33
CA ILE H 44 -7.62 24.31 -10.19
C ILE H 44 -8.02 24.45 -8.76
N PHE H 45 -7.81 25.63 -8.20
CA PHE H 45 -8.33 25.93 -6.88
C PHE H 45 -8.92 27.34 -6.87
N ALA H 46 -10.17 27.43 -6.44
CA ALA H 46 -10.88 28.72 -6.32
C ALA H 46 -10.86 29.48 -7.65
N GLY H 47 -11.07 28.75 -8.73
CA GLY H 47 -11.10 29.34 -10.07
C GLY H 47 -9.77 29.62 -10.74
N LYS H 48 -8.67 29.28 -10.08
CA LYS H 48 -7.33 29.56 -10.56
C LYS H 48 -6.59 28.29 -10.92
N GLN H 49 -5.86 28.35 -12.01
CA GLN H 49 -5.06 27.24 -12.45
C GLN H 49 -3.75 27.25 -11.70
N LEU H 50 -3.36 26.13 -11.12
CA LEU H 50 -2.17 26.08 -10.28
C LEU H 50 -0.88 25.80 -11.05
N GLU H 51 0.13 26.63 -10.85
CA GLU H 51 1.38 26.52 -11.57
C GLU H 51 2.36 25.63 -10.84
N ASP H 52 3.09 24.83 -11.62
CA ASP H 52 3.93 23.76 -11.09
C ASP H 52 5.01 24.17 -10.09
N GLY H 53 5.64 25.31 -10.33
CA GLY H 53 6.74 25.80 -9.50
C GLY H 53 6.29 26.51 -8.23
N ARG H 54 4.99 26.72 -8.06
CA ARG H 54 4.47 27.39 -6.87
C ARG H 54 4.06 26.38 -5.80
N THR H 55 3.86 26.84 -4.58
CA THR H 55 3.53 25.97 -3.47
C THR H 55 2.06 26.06 -3.15
N LEU H 56 1.58 25.09 -2.37
CA LEU H 56 0.22 25.17 -1.83
C LEU H 56 -0.02 26.44 -1.02
N SER H 57 0.92 26.79 -0.16
CA SER H 57 0.74 28.00 0.69
C SER H 57 0.68 29.26 -0.20
N ASP H 58 1.32 29.24 -1.39
CA ASP H 58 1.25 30.39 -2.32
C ASP H 58 -0.17 30.68 -2.79
N TYR H 59 -1.01 29.64 -2.80
CA TYR H 59 -2.39 29.75 -3.19
C TYR H 59 -3.38 29.79 -2.02
N ASN H 60 -2.84 29.78 -0.81
CA ASN H 60 -3.60 29.74 0.42
C ASN H 60 -4.39 28.44 0.54
N ILE H 61 -3.81 27.36 0.07
CA ILE H 61 -4.43 26.06 0.13
C ILE H 61 -4.14 25.50 1.50
N GLN H 62 -5.18 25.15 2.22
CA GLN H 62 -5.05 24.75 3.62
C GLN H 62 -5.65 23.36 3.86
N LYS H 63 -5.65 22.92 5.12
CA LYS H 63 -6.24 21.61 5.45
C LYS H 63 -7.71 21.56 5.00
N GLU H 64 -8.01 20.43 4.38
CA GLU H 64 -9.34 20.09 3.85
C GLU H 64 -9.81 20.98 2.69
N SER H 65 -8.90 21.74 2.10
CA SER H 65 -9.17 22.42 0.84
C SER H 65 -9.48 21.40 -0.25
N THR H 66 -10.39 21.77 -1.15
CA THR H 66 -10.72 20.97 -2.32
C THR H 66 -10.21 21.59 -3.62
N LEU H 67 -9.38 20.82 -4.31
CA LEU H 67 -8.87 21.20 -5.63
C LEU H 67 -9.63 20.41 -6.68
N HIS H 68 -9.65 20.90 -7.91
CA HIS H 68 -10.16 20.12 -9.02
C HIS H 68 -9.04 19.70 -9.95
N LEU H 69 -9.17 18.48 -10.44
CA LEU H 69 -8.25 17.92 -11.44
C LEU H 69 -9.00 17.69 -12.72
N VAL H 70 -8.41 18.23 -13.78
CA VAL H 70 -8.93 18.03 -15.14
C VAL H 70 -7.76 17.62 -16.04
N LEU H 71 -8.08 16.79 -17.01
CA LEU H 71 -7.05 16.35 -17.97
C LEU H 71 -6.94 17.41 -19.03
N ARG H 72 -5.74 17.66 -19.48
CA ARG H 72 -5.47 18.57 -20.58
C ARG H 72 -5.84 17.97 -21.93
N LEU H 73 -6.39 18.79 -22.81
CA LEU H 73 -6.66 18.40 -24.19
C LEU H 73 -5.66 18.96 -25.18
N ARG H 74 -4.86 19.88 -24.72
CA ARG H 74 -3.88 20.53 -25.53
C ARG H 74 -2.66 20.78 -24.69
N GLY H 75 -1.55 21.01 -25.36
CA GLY H 75 -0.32 21.42 -24.71
C GLY H 75 -0.38 22.90 -24.32
N ALA I 7 -24.64 26.63 44.27
CA ALA I 7 -23.65 27.74 44.07
C ALA I 7 -24.08 28.70 42.97
N LEU I 8 -24.78 28.19 41.95
CA LEU I 8 -25.42 29.00 40.91
C LEU I 8 -26.90 29.37 41.09
N ARG I 9 -27.17 30.65 40.92
CA ARG I 9 -28.51 31.17 41.05
C ARG I 9 -29.13 31.45 39.70
N SER I 10 -28.30 31.56 38.68
CA SER I 10 -28.78 31.73 37.33
C SER I 10 -27.77 31.18 36.34
N CYS I 11 -28.25 30.88 35.14
CA CYS I 11 -27.34 30.36 34.12
C CYS I 11 -26.45 31.47 33.64
N PRO I 12 -25.14 31.25 33.66
CA PRO I 12 -24.24 32.29 33.18
C PRO I 12 -24.25 32.47 31.67
N MET I 13 -24.89 31.57 30.94
CA MET I 13 -24.91 31.64 29.49
C MET I 13 -26.19 32.32 29.01
N CYS I 14 -27.33 31.88 29.53
CA CYS I 14 -28.61 32.41 29.04
C CYS I 14 -29.37 33.26 30.07
N GLN I 15 -28.80 33.43 31.24
CA GLN I 15 -29.39 34.18 32.36
C GLN I 15 -30.70 33.66 32.92
N LYS I 16 -31.13 32.45 32.56
CA LYS I 16 -32.32 31.88 33.18
C LYS I 16 -32.06 31.77 34.66
N GLU I 17 -33.05 32.13 35.45
CA GLU I 17 -32.92 31.95 36.90
C GLU I 17 -33.18 30.51 37.29
N PHE I 18 -32.39 30.01 38.22
CA PHE I 18 -32.62 28.65 38.71
C PHE I 18 -33.49 28.67 39.94
N ALA I 19 -34.74 28.24 39.77
CA ALA I 19 -35.66 28.16 40.90
C ALA I 19 -35.17 27.15 41.95
N PRO I 20 -35.60 27.31 43.21
CA PRO I 20 -35.12 26.40 44.25
C PRO I 20 -35.59 24.96 44.09
N ARG I 21 -36.69 24.75 43.37
CA ARG I 21 -37.16 23.38 43.11
C ARG I 21 -36.13 22.53 42.27
N LEU I 22 -35.20 23.19 41.59
CA LEU I 22 -34.21 22.51 40.76
C LEU I 22 -33.12 21.86 41.61
N THR I 23 -32.84 20.60 41.31
CA THR I 23 -31.74 19.88 41.96
C THR I 23 -30.42 20.24 41.29
N GLN I 24 -29.33 19.86 41.94
CA GLN I 24 -27.99 20.11 41.38
C GLN I 24 -27.88 19.46 40.01
N LEU I 25 -28.44 18.26 39.90
CA LEU I 25 -28.49 17.55 38.64
C LEU I 25 -29.27 18.31 37.54
N ASP I 26 -30.43 18.86 37.89
CA ASP I 26 -31.21 19.68 36.93
C ASP I 26 -30.39 20.87 36.46
N VAL I 27 -29.72 21.52 37.39
CA VAL I 27 -28.94 22.70 37.04
C VAL I 27 -27.79 22.30 36.11
N ASP I 28 -27.12 21.21 36.44
CA ASP I 28 -26.00 20.74 35.62
C ASP I 28 -26.47 20.42 34.21
N SER I 29 -27.63 19.78 34.13
CA SER I 29 -28.21 19.41 32.86
C SER I 29 -28.54 20.67 32.03
N HIS I 30 -29.05 21.69 32.69
CA HIS I 30 -29.35 22.94 32.00
C HIS I 30 -28.05 23.54 31.48
N LEU I 31 -27.04 23.59 32.34
CA LEU I 31 -25.75 24.14 31.97
C LEU I 31 -25.12 23.38 30.77
N ALA I 32 -25.19 22.06 30.83
CA ALA I 32 -24.70 21.20 29.74
C ALA I 32 -25.36 21.55 28.41
N GLN I 33 -26.67 21.68 28.42
CA GLN I 33 -27.38 22.06 27.19
C GLN I 33 -27.03 23.45 26.69
N CYS I 34 -26.92 24.41 27.58
CA CYS I 34 -26.53 25.75 27.16
C CYS I 34 -25.11 25.75 26.60
N LEU I 35 -24.21 25.01 27.23
CA LEU I 35 -22.83 24.94 26.77
C LEU I 35 -22.76 24.31 25.38
N ALA I 36 -23.50 23.24 25.19
CA ALA I 36 -23.50 22.48 23.93
C ALA I 36 -24.08 23.30 22.80
N GLU I 37 -25.04 24.15 23.14
CA GLU I 37 -25.73 24.91 22.11
C GLU I 37 -24.89 26.11 21.65
N SER I 38 -23.93 26.54 22.47
CA SER I 38 -23.11 27.68 22.08
C SER I 38 -22.01 27.26 21.09
N THR I 39 -21.80 28.11 20.11
CA THR I 39 -20.82 27.88 19.05
C THR I 39 -19.44 27.95 19.63
N GLU I 40 -19.27 28.91 20.51
CA GLU I 40 -18.02 29.24 21.10
C GLU I 40 -17.83 28.36 22.34
N ASP I 41 -16.62 27.86 22.57
CA ASP I 41 -16.26 27.31 23.86
C ASP I 41 -16.28 28.42 24.89
N VAL I 42 -17.07 28.24 25.94
CA VAL I 42 -17.33 29.32 26.89
C VAL I 42 -16.96 28.84 28.30
N THR I 43 -16.73 29.82 29.16
CA THR I 43 -16.31 29.58 30.53
C THR I 43 -17.00 30.56 31.49
N TRP I 44 -17.12 30.16 32.74
CA TRP I 44 -17.84 30.97 33.73
C TRP I 44 -17.31 30.79 35.15
N MET J 1 -16.06 -2.80 32.93
CA MET J 1 -15.08 -3.31 33.93
C MET J 1 -13.74 -3.48 33.23
N GLN J 2 -12.72 -3.43 34.03
CA GLN J 2 -11.38 -3.54 33.56
C GLN J 2 -10.91 -4.98 33.65
N ILE J 3 -10.27 -5.47 32.59
CA ILE J 3 -9.53 -6.76 32.66
C ILE J 3 -8.13 -6.55 32.13
N PHE J 4 -7.28 -7.54 32.40
CA PHE J 4 -5.88 -7.49 32.01
C PHE J 4 -5.61 -8.62 31.03
N VAL J 5 -4.78 -8.33 30.04
CA VAL J 5 -4.30 -9.32 29.08
C VAL J 5 -2.77 -9.31 29.14
N LYS J 6 -2.23 -10.41 29.59
CA LYS J 6 -0.81 -10.53 29.79
C LYS J 6 -0.18 -11.23 28.61
N THR J 7 0.93 -10.68 28.14
CA THR J 7 1.68 -11.24 27.02
C THR J 7 2.84 -12.02 27.56
N LEU J 8 3.50 -12.77 26.71
CA LEU J 8 4.57 -13.64 27.17
C LEU J 8 5.85 -12.94 27.58
N THR J 9 5.99 -11.69 27.19
CA THR J 9 7.09 -10.87 27.66
C THR J 9 6.79 -10.17 29.02
N GLY J 10 5.62 -10.42 29.56
CA GLY J 10 5.26 -9.88 30.85
C GLY J 10 4.51 -8.56 30.80
N LYS J 11 4.23 -8.10 29.60
CA LYS J 11 3.56 -6.84 29.44
C LYS J 11 2.08 -7.07 29.70
N THR J 12 1.45 -6.08 30.31
CA THR J 12 0.04 -6.17 30.59
C THR J 12 -0.71 -5.13 29.78
N ILE J 13 -1.73 -5.59 29.08
CA ILE J 13 -2.63 -4.74 28.29
C ILE J 13 -3.88 -4.62 29.14
N THR J 14 -4.35 -3.40 29.38
CA THR J 14 -5.57 -3.23 30.13
C THR J 14 -6.72 -2.91 29.19
N LEU J 15 -7.81 -3.62 29.36
CA LEU J 15 -8.99 -3.44 28.52
C LEU J 15 -10.22 -3.11 29.34
N GLU J 16 -11.05 -2.25 28.77
CA GLU J 16 -12.37 -1.94 29.31
C GLU J 16 -13.38 -2.77 28.55
N VAL J 17 -14.12 -3.58 29.25
CA VAL J 17 -15.03 -4.53 28.64
C VAL J 17 -16.34 -4.60 29.43
N GLU J 18 -17.30 -5.32 28.86
CA GLU J 18 -18.50 -5.73 29.55
C GLU J 18 -18.59 -7.25 29.63
N PRO J 19 -19.26 -7.78 30.67
CA PRO J 19 -19.36 -9.24 30.83
C PRO J 19 -20.00 -9.93 29.63
N SER J 20 -20.86 -9.21 28.92
CA SER J 20 -21.53 -9.76 27.75
C SER J 20 -20.70 -9.70 26.47
N ASP J 21 -19.54 -9.05 26.51
CA ASP J 21 -18.67 -8.99 25.32
C ASP J 21 -18.23 -10.38 24.95
N THR J 22 -18.15 -10.65 23.66
CA THR J 22 -17.64 -11.94 23.18
C THR J 22 -16.11 -11.93 23.14
N ILE J 23 -15.53 -13.10 23.06
CA ILE J 23 -14.07 -13.22 22.87
C ILE J 23 -13.62 -12.55 21.57
N GLU J 24 -14.44 -12.66 20.54
CA GLU J 24 -14.17 -11.96 19.29
C GLU J 24 -14.06 -10.44 19.49
N ASN J 25 -14.98 -9.90 20.28
CA ASN J 25 -14.98 -8.48 20.63
C ASN J 25 -13.69 -8.11 21.34
N VAL J 26 -13.26 -8.99 22.24
CA VAL J 26 -12.04 -8.75 23.04
C VAL J 26 -10.81 -8.73 22.14
N LYS J 27 -10.73 -9.69 21.24
CA LYS J 27 -9.65 -9.71 20.26
C LYS J 27 -9.64 -8.45 19.39
N ALA J 28 -10.83 -7.95 19.04
CA ALA J 28 -10.90 -6.71 18.28
C ALA J 28 -10.32 -5.56 19.10
N LYS J 29 -10.60 -5.54 20.40
CA LYS J 29 -10.06 -4.49 21.27
C LYS J 29 -8.56 -4.57 21.44
N ILE J 30 -8.06 -5.81 21.49
CA ILE J 30 -6.62 -6.04 21.47
C ILE J 30 -6.00 -5.54 20.15
N GLN J 31 -6.66 -5.83 19.05
CA GLN J 31 -6.22 -5.29 17.76
C GLN J 31 -6.16 -3.74 17.78
N ASP J 32 -7.21 -3.12 18.29
CA ASP J 32 -7.25 -1.65 18.41
C ASP J 32 -6.06 -1.10 19.17
N LYS J 33 -5.64 -1.78 20.23
CA LYS J 33 -4.53 -1.27 21.07
C LYS J 33 -3.16 -1.68 20.64
N GLU J 34 -3.05 -2.89 20.15
CA GLU J 34 -1.73 -3.46 19.85
C GLU J 34 -1.50 -3.72 18.36
N GLY J 35 -2.51 -3.57 17.54
CA GLY J 35 -2.36 -3.77 16.09
C GLY J 35 -2.24 -5.22 15.67
N ILE J 36 -2.59 -6.13 16.55
CA ILE J 36 -2.49 -7.56 16.25
C ILE J 36 -3.80 -8.08 15.68
N PRO J 37 -3.77 -8.65 14.46
CA PRO J 37 -5.05 -9.16 13.92
C PRO J 37 -5.62 -10.30 14.75
N PRO J 38 -6.95 -10.31 14.92
CA PRO J 38 -7.58 -11.31 15.75
C PRO J 38 -7.27 -12.75 15.35
N ASP J 39 -7.10 -13.01 14.06
CA ASP J 39 -6.83 -14.39 13.62
C ASP J 39 -5.44 -14.86 14.08
N GLN J 40 -4.58 -13.93 14.48
CA GLN J 40 -3.23 -14.28 15.01
C GLN J 40 -3.14 -14.33 16.55
N GLN J 41 -4.26 -14.14 17.20
CA GLN J 41 -4.34 -14.16 18.65
C GLN J 41 -4.91 -15.47 19.17
N ARG J 42 -4.30 -15.97 20.22
CA ARG J 42 -4.90 -17.00 21.04
C ARG J 42 -5.00 -16.52 22.48
N LEU J 43 -6.16 -16.68 23.08
CA LEU J 43 -6.39 -16.24 24.48
C LEU J 43 -6.61 -17.44 25.35
N ILE J 44 -6.01 -17.40 26.54
CA ILE J 44 -6.17 -18.44 27.55
C ILE J 44 -6.67 -17.83 28.87
N PHE J 45 -7.63 -18.50 29.50
CA PHE J 45 -8.12 -18.15 30.86
C PHE J 45 -8.64 -19.40 31.54
N ALA J 46 -8.26 -19.56 32.80
CA ALA J 46 -8.75 -20.63 33.65
C ALA J 46 -8.61 -21.98 32.97
N GLY J 47 -7.47 -22.18 32.34
CA GLY J 47 -7.14 -23.48 31.77
C GLY J 47 -7.75 -23.74 30.42
N LYS J 48 -8.39 -22.75 29.84
CA LYS J 48 -9.08 -22.91 28.57
C LYS J 48 -8.56 -21.94 27.56
N GLN J 49 -8.55 -22.42 26.34
CA GLN J 49 -8.37 -21.60 25.19
C GLN J 49 -9.74 -20.99 24.84
N LEU J 50 -9.83 -19.67 24.79
CA LEU J 50 -11.13 -19.02 24.72
C LEU J 50 -11.68 -19.00 23.31
N GLU J 51 -12.93 -19.42 23.16
CA GLU J 51 -13.59 -19.49 21.84
C GLU J 51 -14.29 -18.21 21.48
N ASP J 52 -14.14 -17.83 20.23
CA ASP J 52 -14.53 -16.50 19.74
C ASP J 52 -15.99 -16.13 19.95
N GLY J 53 -16.87 -17.12 19.81
CA GLY J 53 -18.31 -16.88 19.88
C GLY J 53 -18.86 -16.82 21.30
N ARG J 54 -18.05 -17.12 22.29
CA ARG J 54 -18.51 -17.12 23.68
C ARG J 54 -18.25 -15.79 24.35
N THR J 55 -18.89 -15.58 25.50
CA THR J 55 -18.78 -14.31 26.22
C THR J 55 -17.87 -14.44 27.41
N LEU J 56 -17.43 -13.29 27.89
CA LEU J 56 -16.59 -13.24 29.09
C LEU J 56 -17.30 -13.86 30.28
N SER J 57 -18.59 -13.53 30.43
CA SER J 57 -19.45 -14.08 31.49
C SER J 57 -19.52 -15.63 31.39
N ASP J 58 -19.54 -16.16 30.17
CA ASP J 58 -19.51 -17.64 29.97
C ASP J 58 -18.29 -18.33 30.61
N TYR J 59 -17.16 -17.63 30.59
CA TYR J 59 -15.90 -18.14 31.13
C TYR J 59 -15.63 -17.64 32.56
N ASN J 60 -16.58 -16.91 33.11
CA ASN J 60 -16.50 -16.39 34.47
C ASN J 60 -15.36 -15.44 34.61
N ILE J 61 -15.17 -14.69 33.56
CA ILE J 61 -14.17 -13.63 33.54
C ILE J 61 -14.80 -12.39 34.15
N GLN J 62 -14.17 -11.85 35.19
CA GLN J 62 -14.76 -10.74 35.97
C GLN J 62 -13.80 -9.58 36.05
N ARG J 63 -14.17 -8.57 36.81
CA ARG J 63 -13.31 -7.42 37.01
C ARG J 63 -11.93 -7.84 37.50
N GLU J 64 -10.92 -7.27 36.84
CA GLU J 64 -9.49 -7.48 37.16
C GLU J 64 -9.01 -8.91 36.93
N SER J 65 -9.80 -9.69 36.21
CA SER J 65 -9.32 -11.00 35.72
C SER J 65 -8.14 -10.80 34.76
N THR J 66 -7.23 -11.77 34.77
CA THR J 66 -6.09 -11.76 33.86
C THR J 66 -6.19 -12.88 32.83
N LEU J 67 -6.20 -12.50 31.55
CA LEU J 67 -6.16 -13.43 30.45
C LEU J 67 -4.72 -13.48 29.91
N HIS J 68 -4.40 -14.56 29.22
CA HIS J 68 -3.06 -14.66 28.60
C HIS J 68 -3.17 -14.72 27.11
N LEU J 69 -2.31 -13.96 26.45
CA LEU J 69 -2.29 -13.85 25.01
C LEU J 69 -1.04 -14.49 24.48
N VAL J 70 -1.24 -15.34 23.49
CA VAL J 70 -0.22 -15.93 22.68
C VAL J 70 -0.44 -15.54 21.24
N LEU J 71 0.62 -15.07 20.62
CA LEU J 71 0.63 -14.69 19.22
C LEU J 71 1.16 -15.77 18.30
N ARG J 72 0.54 -15.86 17.13
CA ARG J 72 1.01 -16.74 16.07
C ARG J 72 1.42 -15.88 14.89
N LEU J 73 2.50 -16.23 14.28
CA LEU J 73 2.80 -15.65 12.96
C LEU J 73 1.82 -16.22 11.97
N ARG J 74 1.32 -15.40 11.06
CA ARG J 74 0.32 -15.88 10.11
C ARG J 74 1.20 -16.27 8.97
N GLY J 75 1.91 -17.36 9.23
CA GLY J 75 2.99 -17.83 8.40
C GLY J 75 2.45 -18.91 7.51
N GLY J 76 3.26 -19.84 7.05
CA GLY J 76 2.75 -20.70 6.01
C GLY J 76 3.98 -21.02 5.18
N MET K 1 3.05 -19.48 -2.25
CA MET K 1 4.20 -19.75 -1.37
C MET K 1 5.42 -19.07 -1.95
N GLN K 2 6.34 -18.84 -1.06
CA GLN K 2 7.54 -18.19 -1.42
C GLN K 2 8.67 -19.16 -1.67
N ILE K 3 9.41 -18.93 -2.74
CA ILE K 3 10.68 -19.64 -2.97
C ILE K 3 11.77 -18.63 -3.24
N PHE K 4 13.01 -19.08 -3.10
CA PHE K 4 14.19 -18.26 -3.36
C PHE K 4 14.87 -18.79 -4.64
N VAL K 5 15.38 -17.84 -5.44
CA VAL K 5 16.24 -18.16 -6.59
C VAL K 5 17.58 -17.42 -6.37
N LYS K 6 18.63 -18.19 -6.25
CA LYS K 6 19.98 -17.66 -6.02
C LYS K 6 20.88 -17.84 -7.24
N THR K 7 21.75 -16.88 -7.46
CA THR K 7 22.79 -16.98 -8.49
C THR K 7 24.15 -17.09 -7.87
N LEU K 8 25.09 -17.59 -8.65
CA LEU K 8 26.48 -17.66 -8.19
C LEU K 8 27.16 -16.30 -8.10
N THR K 9 26.52 -15.27 -8.66
CA THR K 9 27.02 -13.92 -8.54
C THR K 9 26.57 -13.28 -7.23
N GLY K 10 25.80 -14.01 -6.44
CA GLY K 10 25.45 -13.56 -5.10
C GLY K 10 24.13 -12.82 -5.05
N LYS K 11 23.35 -12.86 -6.12
CA LYS K 11 22.00 -12.29 -6.16
C LYS K 11 21.02 -13.28 -5.57
N THR K 12 20.11 -12.80 -4.71
CA THR K 12 18.99 -13.62 -4.26
C THR K 12 17.69 -12.98 -4.60
N ILE K 13 16.78 -13.72 -5.16
CA ILE K 13 15.47 -13.12 -5.24
C ILE K 13 14.37 -14.03 -4.74
N THR K 14 13.31 -13.38 -4.24
CA THR K 14 12.13 -14.16 -3.82
C THR K 14 11.08 -14.15 -4.90
N LEU K 15 10.47 -15.30 -5.07
CA LEU K 15 9.32 -15.42 -5.95
C LEU K 15 8.13 -15.93 -5.17
N GLU K 16 6.96 -15.46 -5.59
CA GLU K 16 5.69 -15.98 -5.12
C GLU K 16 5.17 -16.91 -6.20
N VAL K 17 4.92 -18.15 -5.80
CA VAL K 17 4.55 -19.19 -6.75
C VAL K 17 3.54 -20.13 -6.15
N GLU K 18 2.99 -20.99 -6.99
CA GLU K 18 2.12 -22.07 -6.56
C GLU K 18 2.75 -23.40 -6.93
N PRO K 19 2.51 -24.46 -6.12
CA PRO K 19 3.08 -25.77 -6.41
C PRO K 19 2.78 -26.27 -7.82
N SER K 20 1.65 -25.85 -8.38
CA SER K 20 1.24 -26.28 -9.72
C SER K 20 1.86 -25.45 -10.86
N ASP K 21 2.55 -24.37 -10.54
CA ASP K 21 3.28 -23.60 -11.56
C ASP K 21 4.33 -24.48 -12.27
N THR K 22 4.44 -24.31 -13.57
CA THR K 22 5.46 -25.00 -14.35
C THR K 22 6.79 -24.27 -14.25
N ILE K 23 7.86 -24.97 -14.57
CA ILE K 23 9.18 -24.35 -14.63
C ILE K 23 9.19 -23.19 -15.64
N GLU K 24 8.49 -23.35 -16.76
CA GLU K 24 8.33 -22.26 -17.76
C GLU K 24 7.76 -21.01 -17.10
N ASN K 25 6.72 -21.20 -16.31
CA ASN K 25 6.04 -20.12 -15.58
C ASN K 25 7.03 -19.41 -14.62
N VAL K 26 7.83 -20.22 -13.94
CA VAL K 26 8.83 -19.68 -12.99
C VAL K 26 9.87 -18.82 -13.73
N LYS K 27 10.35 -19.34 -14.85
CA LYS K 27 11.30 -18.59 -15.69
C LYS K 27 10.69 -17.26 -16.17
N ALA K 28 9.39 -17.28 -16.46
CA ALA K 28 8.71 -16.05 -16.89
C ALA K 28 8.70 -15.03 -15.76
N LYS K 29 8.52 -15.51 -14.54
CA LYS K 29 8.54 -14.63 -13.36
C LYS K 29 9.93 -14.07 -13.09
N ILE K 30 10.94 -14.93 -13.30
CA ILE K 30 12.33 -14.45 -13.24
C ILE K 30 12.56 -13.36 -14.31
N GLN K 31 12.08 -13.60 -15.51
CA GLN K 31 12.21 -12.60 -16.58
C GLN K 31 11.57 -11.27 -16.17
N ASP K 32 10.36 -11.36 -15.59
CA ASP K 32 9.66 -10.17 -15.10
C ASP K 32 10.51 -9.38 -14.13
N LYS K 33 11.23 -10.05 -13.25
CA LYS K 33 12.03 -9.36 -12.23
C LYS K 33 13.42 -8.97 -12.65
N GLU K 34 14.06 -9.81 -13.44
CA GLU K 34 15.47 -9.61 -13.77
C GLU K 34 15.74 -9.32 -15.24
N GLY K 35 14.73 -9.44 -16.08
CA GLY K 35 14.92 -9.17 -17.51
C GLY K 35 15.73 -10.22 -18.26
N ILE K 36 15.89 -11.39 -17.67
CA ILE K 36 16.59 -12.49 -18.34
C ILE K 36 15.63 -13.36 -19.13
N PRO K 37 15.84 -13.49 -20.46
CA PRO K 37 14.93 -14.31 -21.21
C PRO K 37 14.95 -15.76 -20.74
N PRO K 38 13.78 -16.39 -20.71
CA PRO K 38 13.70 -17.78 -20.25
C PRO K 38 14.61 -18.75 -20.97
N ASP K 39 14.82 -18.56 -22.27
CA ASP K 39 15.67 -19.51 -23.03
C ASP K 39 17.13 -19.44 -22.58
N GLN K 40 17.49 -18.34 -21.91
CA GLN K 40 18.84 -18.23 -21.33
C GLN K 40 19.03 -18.73 -19.91
N GLN K 41 17.94 -19.17 -19.29
CA GLN K 41 17.96 -19.56 -17.89
C GLN K 41 18.08 -21.05 -17.76
N ARG K 42 18.95 -21.48 -16.86
CA ARG K 42 18.92 -22.83 -16.39
C ARG K 42 18.64 -22.81 -14.88
N LEU K 43 17.66 -23.57 -14.45
CA LEU K 43 17.32 -23.68 -13.06
C LEU K 43 17.67 -25.06 -12.55
N ILE K 44 18.21 -25.07 -11.35
CA ILE K 44 18.68 -26.30 -10.74
C ILE K 44 18.10 -26.38 -9.32
N PHE K 45 17.64 -27.57 -8.97
CA PHE K 45 17.17 -27.85 -7.61
C PHE K 45 17.60 -29.25 -7.23
N ALA K 46 18.18 -29.35 -6.05
CA ALA K 46 18.70 -30.63 -5.51
C ALA K 46 19.53 -31.35 -6.56
N GLY K 47 20.36 -30.59 -7.25
CA GLY K 47 21.33 -31.19 -8.17
C GLY K 47 20.78 -31.50 -9.55
N LYS K 48 19.52 -31.19 -9.79
CA LYS K 48 18.86 -31.55 -11.03
C LYS K 48 18.48 -30.32 -11.80
N GLN K 49 18.63 -30.41 -13.11
CA GLN K 49 18.21 -29.37 -13.98
C GLN K 49 16.71 -29.47 -14.18
N LEU K 50 16.02 -28.36 -14.00
CA LEU K 50 14.56 -28.39 -14.05
C LEU K 50 14.06 -28.25 -15.47
N GLU K 51 13.16 -29.13 -15.86
CA GLU K 51 12.55 -29.12 -17.22
C GLU K 51 11.29 -28.27 -17.32
N ASP K 52 11.22 -27.51 -18.41
CA ASP K 52 10.21 -26.43 -18.57
C ASP K 52 8.76 -26.87 -18.42
N GLY K 53 8.45 -28.05 -18.92
CA GLY K 53 7.07 -28.54 -18.91
C GLY K 53 6.61 -29.16 -17.61
N ARG K 54 7.52 -29.33 -16.66
CA ARG K 54 7.19 -29.95 -15.38
C ARG K 54 6.81 -28.88 -14.35
N THR K 55 6.20 -29.31 -13.25
CA THR K 55 5.74 -28.37 -12.21
C THR K 55 6.67 -28.39 -11.01
N LEU K 56 6.54 -27.36 -10.18
CA LEU K 56 7.29 -27.31 -8.93
C LEU K 56 7.00 -28.53 -8.05
N SER K 57 5.72 -28.88 -7.95
CA SER K 57 5.35 -30.04 -7.13
C SER K 57 5.95 -31.32 -7.68
N ASP K 58 6.11 -31.44 -9.00
CA ASP K 58 6.81 -32.61 -9.60
C ASP K 58 8.20 -32.82 -9.04
N TYR K 59 8.86 -31.70 -8.75
CA TYR K 59 10.24 -31.73 -8.21
C TYR K 59 10.30 -31.61 -6.68
N ASN K 60 9.13 -31.56 -6.05
CA ASN K 60 9.00 -31.46 -4.60
C ASN K 60 9.57 -30.17 -4.08
N ILE K 61 9.39 -29.15 -4.90
CA ILE K 61 9.81 -27.84 -4.52
C ILE K 61 8.70 -27.29 -3.64
N GLN K 62 9.06 -26.88 -2.43
CA GLN K 62 8.05 -26.42 -1.46
C GLN K 62 8.39 -25.04 -0.94
N LYS K 63 7.62 -24.59 0.04
CA LYS K 63 7.85 -23.27 0.60
C LYS K 63 9.29 -23.19 1.13
N GLU K 64 9.91 -22.07 0.82
CA GLU K 64 11.28 -21.77 1.24
C GLU K 64 12.40 -22.53 0.54
N SER K 65 12.03 -23.31 -0.45
CA SER K 65 13.02 -23.98 -1.29
C SER K 65 13.89 -22.96 -2.02
N THR K 66 15.16 -23.31 -2.18
CA THR K 66 16.11 -22.49 -2.94
C THR K 66 16.50 -23.16 -4.26
N LEU K 67 16.21 -22.45 -5.35
CA LEU K 67 16.61 -22.90 -6.68
C LEU K 67 17.83 -22.12 -7.08
N HIS K 68 18.67 -22.70 -7.93
CA HIS K 68 19.83 -21.98 -8.43
C HIS K 68 19.62 -21.66 -9.88
N LEU K 69 19.99 -20.45 -10.23
CA LEU K 69 19.88 -19.97 -11.58
C LEU K 69 21.27 -19.73 -12.16
N VAL K 70 21.48 -20.29 -13.32
CA VAL K 70 22.71 -20.07 -14.07
C VAL K 70 22.33 -19.73 -15.51
N LEU K 71 23.17 -18.93 -16.11
CA LEU K 71 22.99 -18.58 -17.51
C LEU K 71 23.59 -19.66 -18.37
N ARG K 72 22.94 -19.93 -19.48
CA ARG K 72 23.50 -20.89 -20.49
C ARG K 72 24.61 -20.26 -21.31
N LEU K 73 25.64 -21.04 -21.63
CA LEU K 73 26.70 -20.65 -22.57
C LEU K 73 26.48 -21.19 -23.97
N ARG K 74 25.59 -22.17 -24.09
CA ARG K 74 25.25 -22.78 -25.34
C ARG K 74 23.76 -23.06 -25.37
N GLY K 75 23.20 -23.22 -26.56
CA GLY K 75 21.79 -23.45 -26.72
C GLY K 75 21.35 -24.91 -26.74
N GLY K 76 22.08 -25.78 -26.06
CA GLY K 76 21.56 -27.08 -25.70
C GLY K 76 20.22 -26.82 -24.98
N LEU L 8 -6.77 -29.10 33.49
CA LEU L 8 -7.07 -29.09 34.96
C LEU L 8 -5.84 -29.55 35.83
N ARG L 9 -5.32 -30.77 35.70
CA ARG L 9 -4.30 -31.26 36.65
C ARG L 9 -2.87 -31.40 36.08
N SER L 10 -2.79 -31.37 34.76
CA SER L 10 -1.52 -31.54 34.08
C SER L 10 -1.51 -30.83 32.77
N CYS L 11 -0.34 -30.40 32.30
CA CYS L 11 -0.27 -29.72 31.02
C CYS L 11 -0.49 -30.73 29.93
N PRO L 12 -1.41 -30.43 29.02
CA PRO L 12 -1.66 -31.38 27.94
C PRO L 12 -0.56 -31.39 26.88
N MET L 13 0.35 -30.42 26.94
CA MET L 13 1.37 -30.28 25.89
C MET L 13 2.69 -30.88 26.32
N CYS L 14 3.09 -30.60 27.54
CA CYS L 14 4.35 -31.14 28.07
C CYS L 14 4.22 -32.17 29.20
N GLN L 15 2.98 -32.51 29.58
CA GLN L 15 2.67 -33.40 30.72
C GLN L 15 3.13 -32.97 32.10
N LYS L 16 3.61 -31.75 32.29
CA LYS L 16 4.00 -31.33 33.64
C LYS L 16 2.79 -31.38 34.54
N GLU L 17 2.97 -31.88 35.75
CA GLU L 17 1.89 -31.92 36.74
C GLU L 17 1.72 -30.56 37.35
N PHE L 18 0.48 -30.13 37.53
CA PHE L 18 0.28 -28.86 38.19
C PHE L 18 0.06 -29.09 39.66
N ALA L 19 1.07 -28.75 40.47
CA ALA L 19 0.95 -28.87 41.92
C ALA L 19 -0.17 -27.96 42.46
N PRO L 20 -0.73 -28.30 43.63
CA PRO L 20 -1.84 -27.50 44.15
C PRO L 20 -1.43 -26.11 44.56
N ARG L 21 -0.16 -25.91 44.87
CA ARG L 21 0.32 -24.55 45.19
C ARG L 21 0.19 -23.53 44.03
N LEU L 22 0.05 -24.02 42.80
CA LEU L 22 -0.07 -23.15 41.64
C LEU L 22 -1.41 -22.49 41.60
N THR L 23 -1.43 -21.21 41.30
CA THR L 23 -2.69 -20.49 41.08
C THR L 23 -3.19 -20.67 39.66
N GLN L 24 -4.43 -20.29 39.43
CA GLN L 24 -5.03 -20.35 38.10
C GLN L 24 -4.16 -19.58 37.14
N LEU L 25 -3.66 -18.43 37.61
CA LEU L 25 -2.76 -17.57 36.81
C LEU L 25 -1.47 -18.25 36.43
N ASP L 26 -0.84 -18.92 37.39
CA ASP L 26 0.36 -19.73 37.09
C ASP L 26 0.07 -20.78 36.03
N VAL L 27 -1.05 -21.47 36.17
CA VAL L 27 -1.36 -22.54 35.23
C VAL L 27 -1.61 -21.96 33.83
N ASP L 28 -2.38 -20.87 33.76
CA ASP L 28 -2.65 -20.25 32.46
C ASP L 28 -1.35 -19.81 31.79
N SER L 29 -0.48 -19.21 32.58
CA SER L 29 0.79 -18.74 32.09
C SER L 29 1.64 -19.89 31.53
N HIS L 30 1.62 -21.02 32.22
CA HIS L 30 2.37 -22.23 31.80
C HIS L 30 1.82 -22.70 30.46
N LEU L 31 0.51 -22.77 30.41
CA LEU L 31 -0.18 -23.20 29.20
C LEU L 31 0.13 -22.30 28.03
N ALA L 32 0.08 -20.98 28.26
CA ALA L 32 0.40 -20.04 27.21
C ALA L 32 1.81 -20.29 26.65
N GLN L 33 2.77 -20.47 27.52
CA GLN L 33 4.15 -20.72 27.09
C GLN L 33 4.31 -22.01 26.30
N CYS L 34 3.65 -23.06 26.76
CA CYS L 34 3.67 -24.29 26.01
C CYS L 34 3.00 -24.14 24.67
N LEU L 35 1.87 -23.46 24.62
CA LEU L 35 1.21 -23.26 23.34
C LEU L 35 2.08 -22.49 22.36
N ALA L 36 2.71 -21.43 22.86
CA ALA L 36 3.54 -20.55 22.03
C ALA L 36 4.74 -21.28 21.48
N GLU L 37 5.25 -22.21 22.26
CA GLU L 37 6.43 -22.89 21.85
C GLU L 37 6.13 -23.96 20.79
N SER L 38 4.90 -24.42 20.72
CA SER L 38 4.52 -25.42 19.72
C SER L 38 4.51 -24.75 18.39
N THR L 39 5.07 -25.48 17.43
CA THR L 39 5.26 -24.96 16.13
C THR L 39 3.87 -24.84 15.48
N GLU L 40 2.96 -25.77 15.82
CA GLU L 40 1.56 -25.77 15.35
C GLU L 40 0.53 -25.43 16.42
N ASP L 41 -0.66 -25.05 15.96
CA ASP L 41 -1.78 -24.81 16.84
C ASP L 41 -2.33 -26.08 17.46
N VAL L 42 -2.46 -26.07 18.78
CA VAL L 42 -2.90 -27.22 19.51
C VAL L 42 -4.22 -26.92 20.15
N THR L 43 -4.96 -27.98 20.41
CA THR L 43 -6.16 -27.89 21.19
C THR L 43 -6.14 -28.96 22.26
N TRP L 44 -6.91 -28.69 23.31
CA TRP L 44 -7.08 -29.61 24.42
C TRP L 44 -8.42 -29.38 25.11
ZN ZN M . -14.71 15.55 -33.93
ZN ZN N . 38.85 -17.20 -25.51
ZN ZN O . -28.80 28.60 30.21
ZN ZN P . 3.39 -27.53 29.43
#